data_7P1O
#
_entry.id   7P1O
#
_cell.length_a   61.123
_cell.length_b   66.832
_cell.length_c   92.730
_cell.angle_alpha   90.000
_cell.angle_beta   90.890
_cell.angle_gamma   90.000
#
_symmetry.space_group_name_H-M   'P 1 2 1'
#
loop_
_entity.id
_entity.type
_entity.pdbx_description
1 polymer 'Sialidase domain-containing protein'
2 non-polymer GLYCEROL
3 non-polymer 'deamino-alpha-neuraminic acid'
4 non-polymer 'CHLORIDE ION'
5 water water
#
_entity_poly.entity_id   1
_entity_poly.type   'polypeptide(L)'
_entity_poly.pdbx_seq_one_letter_code
;MGSSHHHHHHSSGLVPRGSHMASNVNDPAKDATPYHVEFPLFRSANMASADKLSTGVGFHSFRIPAVVRTTTGRILAFAE
GRRHDNRDFGDINLVYKRTKTTSDNGATLSDWESLREVVGSGDGTWGNPTPVVD(SNN)GTIYLFLSWNNGSYSQKGGDE
LPDGTITKKIDTTWYGRRHLYLTTSTDDGNTWSKPQDLTKELTPDGWSWDAVGPGNGIKLSSGELVVPAMGRNIVGRGTP
GQRTWSVQRLNGAGAEGTVCETPDGKLYRNDRPSKAGYRIVARGTLSDGFSDFASDSGLPDPACQGSVLKYNTDAPPRTI
FLNSASSDSRRQMRVRISYDADAAKYDYGRKLADAPVSGAGYEGGYSSMTKTADYKIGALVESDFFNDGTGGGSYRSIIW
RRFNLSWILNGPNN
;
_entity_poly.pdbx_strand_id   X,A
#
loop_
_chem_comp.id
_chem_comp.type
_chem_comp.name
_chem_comp.formula
CL non-polymer 'CHLORIDE ION' 'Cl -1'
GOL non-polymer GLYCEROL 'C3 H8 O3'
KDM D-saccharide, alpha linking 'deamino-alpha-neuraminic acid' 'C9 H16 O9'
#
# COMPACT_ATOMS: atom_id res chain seq x y z
N VAL A 25 -10.71 2.98 -39.50
CA VAL A 25 -9.60 2.24 -38.81
C VAL A 25 -9.78 0.73 -38.97
N ASN A 26 -8.82 0.08 -39.62
CA ASN A 26 -8.71 -1.38 -39.64
C ASN A 26 -8.73 -1.90 -38.22
N ASP A 27 -9.65 -2.85 -37.95
CA ASP A 27 -9.74 -3.46 -36.62
C ASP A 27 -9.87 -4.97 -36.71
N PRO A 28 -8.82 -5.69 -36.33
CA PRO A 28 -8.84 -7.16 -36.46
C PRO A 28 -9.87 -7.84 -35.57
N ALA A 29 -10.30 -7.16 -34.51
CA ALA A 29 -11.26 -7.75 -33.59
C ALA A 29 -12.58 -8.05 -34.26
N LYS A 30 -12.88 -7.34 -35.34
CA LYS A 30 -14.10 -7.60 -36.10
C LYS A 30 -14.20 -9.02 -36.68
N ASP A 31 -13.04 -9.66 -36.89
CA ASP A 31 -12.99 -11.02 -37.47
C ASP A 31 -13.43 -12.14 -36.54
N ALA A 32 -13.51 -11.87 -35.24
CA ALA A 32 -14.00 -12.85 -34.32
C ALA A 32 -15.52 -12.96 -34.46
N THR A 33 -16.05 -14.15 -34.21
CA THR A 33 -17.47 -14.33 -34.10
C THR A 33 -17.97 -13.43 -32.95
N PRO A 34 -19.02 -12.64 -33.17
CA PRO A 34 -19.55 -11.86 -32.05
C PRO A 34 -19.93 -12.73 -30.88
N TYR A 35 -19.66 -12.25 -29.66
CA TYR A 35 -19.97 -12.96 -28.44
C TYR A 35 -20.63 -12.02 -27.45
N HIS A 36 -21.69 -12.50 -26.82
CA HIS A 36 -22.32 -11.74 -25.72
C HIS A 36 -23.06 -12.70 -24.82
N VAL A 37 -22.94 -12.48 -23.50
CA VAL A 37 -23.80 -13.08 -22.51
C VAL A 37 -24.24 -11.98 -21.57
N GLU A 38 -25.40 -12.17 -20.95
CA GLU A 38 -25.96 -11.17 -20.06
C GLU A 38 -26.94 -11.80 -19.09
N PHE A 39 -26.81 -11.45 -17.83
CA PHE A 39 -27.71 -11.97 -16.80
C PHE A 39 -27.68 -11.10 -15.57
N PRO A 40 -28.76 -11.10 -14.78
CA PRO A 40 -28.74 -10.35 -13.53
C PRO A 40 -27.75 -10.91 -12.52
N LEU A 41 -26.94 -10.03 -11.91
CA LEU A 41 -25.94 -10.44 -10.94
C LEU A 41 -26.28 -9.98 -9.52
N PHE A 42 -26.89 -8.81 -9.40
CA PHE A 42 -27.38 -8.33 -8.11
C PHE A 42 -28.91 -8.24 -8.23
N ARG A 43 -29.58 -9.14 -7.51
CA ARG A 43 -31.01 -9.39 -7.69
C ARG A 43 -31.75 -8.78 -6.53
N SER A 44 -32.63 -7.83 -6.85
CA SER A 44 -33.43 -7.11 -5.88
C SER A 44 -34.43 -8.02 -5.16
N ALA A 45 -35.01 -7.50 -4.09
CA ALA A 45 -35.80 -8.31 -3.14
C ALA A 45 -37.00 -8.98 -3.78
N ASN A 46 -37.51 -8.40 -4.86
CA ASN A 46 -38.64 -8.94 -5.59
C ASN A 46 -38.32 -10.12 -6.49
N MET A 47 -37.04 -10.42 -6.70
CA MET A 47 -36.63 -11.46 -7.65
C MET A 47 -36.50 -12.82 -6.96
N ALA A 48 -36.68 -13.87 -7.74
CA ALA A 48 -36.67 -15.25 -7.22
C ALA A 48 -35.42 -15.58 -6.39
N SER A 49 -34.25 -15.19 -6.89
CA SER A 49 -33.02 -15.50 -6.16
C SER A 49 -32.40 -14.23 -5.58
N ALA A 50 -33.26 -13.40 -5.00
CA ALA A 50 -32.84 -12.13 -4.34
C ALA A 50 -31.58 -12.33 -3.53
N ASP A 51 -30.61 -11.45 -3.72
CA ASP A 51 -29.34 -11.57 -3.04
C ASP A 51 -29.43 -11.05 -1.62
N LYS A 52 -28.99 -11.87 -0.68
CA LYS A 52 -28.92 -11.53 0.74
C LYS A 52 -27.55 -11.92 1.25
N LEU A 53 -27.12 -11.28 2.34
CA LEU A 53 -25.92 -11.69 3.04
C LEU A 53 -26.17 -12.99 3.81
N SER A 54 -25.09 -13.62 4.21
CA SER A 54 -25.15 -14.88 4.93
C SER A 54 -25.83 -14.71 6.28
N THR A 55 -25.84 -13.49 6.79
CA THR A 55 -26.52 -13.15 8.05
C THR A 55 -28.03 -13.19 7.97
N GLY A 56 -28.59 -13.20 6.75
CA GLY A 56 -30.03 -13.07 6.52
C GLY A 56 -30.47 -11.69 6.08
N VAL A 57 -29.56 -10.72 6.14
CA VAL A 57 -29.90 -9.34 5.80
C VAL A 57 -30.03 -9.25 4.29
N GLY A 58 -31.18 -8.76 3.85
CA GLY A 58 -31.48 -8.56 2.44
C GLY A 58 -31.56 -7.09 2.07
N PHE A 59 -31.82 -6.88 0.78
CA PHE A 59 -31.80 -5.53 0.20
C PHE A 59 -32.94 -5.34 -0.78
N HIS A 60 -33.67 -4.26 -0.58
CA HIS A 60 -34.69 -3.85 -1.53
C HIS A 60 -34.09 -3.75 -2.93
N SER A 61 -33.00 -3.00 -3.00
CA SER A 61 -32.39 -2.62 -4.27
C SER A 61 -30.87 -2.66 -4.24
N PHE A 62 -30.27 -2.86 -5.40
CA PHE A 62 -28.83 -2.68 -5.61
C PHE A 62 -28.65 -1.63 -6.67
N ARG A 63 -27.80 -0.65 -6.40
CA ARG A 63 -27.47 0.42 -7.35
C ARG A 63 -25.98 0.70 -7.31
N ILE A 64 -25.48 1.48 -8.28
CA ILE A 64 -24.15 2.10 -8.20
C ILE A 64 -23.05 1.05 -8.29
N PRO A 65 -22.96 0.39 -9.46
CA PRO A 65 -22.01 -0.68 -9.68
C PRO A 65 -20.57 -0.22 -9.86
N ALA A 66 -19.64 -1.12 -9.52
CA ALA A 66 -18.24 -0.94 -9.86
C ALA A 66 -17.66 -2.32 -10.10
N VAL A 67 -16.81 -2.46 -11.11
CA VAL A 67 -16.24 -3.77 -11.38
C VAL A 67 -14.77 -3.62 -11.76
N VAL A 68 -13.95 -4.52 -11.23
CA VAL A 68 -12.55 -4.64 -11.68
C VAL A 68 -12.13 -6.08 -11.82
N ARG A 69 -11.31 -6.33 -12.84
CA ARG A 69 -10.57 -7.60 -12.96
C ARG A 69 -9.26 -7.42 -12.18
N THR A 70 -8.93 -8.37 -11.31
CA THR A 70 -7.70 -8.25 -10.50
C THR A 70 -6.53 -8.80 -11.31
N THR A 71 -5.30 -8.67 -10.80
CA THR A 71 -4.18 -9.22 -11.57
C THR A 71 -4.18 -10.74 -11.62
N THR A 72 -5.01 -11.41 -10.83
CA THR A 72 -5.10 -12.88 -10.90
C THR A 72 -6.05 -13.33 -11.98
N GLY A 73 -6.91 -12.40 -12.43
CA GLY A 73 -8.01 -12.69 -13.35
C GLY A 73 -9.37 -12.84 -12.66
N ARG A 74 -9.37 -12.89 -11.33
CA ARG A 74 -10.62 -12.87 -10.57
C ARG A 74 -11.33 -11.54 -10.87
N ILE A 75 -12.67 -11.58 -10.89
CA ILE A 75 -13.44 -10.35 -11.04
C ILE A 75 -14.15 -10.01 -9.74
N LEU A 76 -14.10 -8.72 -9.38
CA LEU A 76 -14.74 -8.19 -8.16
C LEU A 76 -15.79 -7.22 -8.63
N ALA A 77 -17.04 -7.45 -8.20
CA ALA A 77 -18.17 -6.62 -8.57
C ALA A 77 -18.72 -6.04 -7.28
N PHE A 78 -18.82 -4.70 -7.22
CA PHE A 78 -19.28 -4.01 -6.03
C PHE A 78 -20.60 -3.28 -6.32
N ALA A 79 -21.37 -3.02 -5.28
CA ALA A 79 -22.58 -2.23 -5.42
C ALA A 79 -23.00 -1.66 -4.08
N GLU A 80 -23.92 -0.70 -4.15
CA GLU A 80 -24.65 -0.26 -2.99
C GLU A 80 -25.84 -1.16 -2.76
N GLY A 81 -25.86 -1.79 -1.59
CA GLY A 81 -27.01 -2.53 -1.12
C GLY A 81 -27.90 -1.58 -0.35
N ARG A 82 -28.99 -1.19 -1.00
CA ARG A 82 -29.90 -0.21 -0.46
C ARG A 82 -30.99 -0.99 0.25
N ARG A 83 -30.93 -0.94 1.57
CA ARG A 83 -31.66 -1.90 2.41
C ARG A 83 -33.19 -1.80 2.29
N HIS A 84 -33.72 -0.60 2.41
CA HIS A 84 -35.19 -0.44 2.56
C HIS A 84 -35.95 0.06 1.34
N ASP A 85 -35.25 0.77 0.47
CA ASP A 85 -35.87 1.34 -0.72
C ASP A 85 -34.73 1.71 -1.66
N ASN A 86 -35.06 2.32 -2.79
CA ASN A 86 -34.04 2.60 -3.82
C ASN A 86 -33.31 3.94 -3.67
N ARG A 87 -33.58 4.70 -2.62
CA ARG A 87 -33.10 6.09 -2.54
C ARG A 87 -31.62 6.15 -2.14
N ASP A 88 -31.00 7.30 -2.41
CA ASP A 88 -29.56 7.52 -2.27
C ASP A 88 -29.03 7.66 -0.84
N PHE A 89 -29.94 7.77 0.11
CA PHE A 89 -29.60 8.05 1.50
C PHE A 89 -30.28 6.99 2.37
N GLY A 90 -30.03 7.07 3.66
CA GLY A 90 -30.49 6.08 4.62
C GLY A 90 -29.48 4.94 4.75
N ASP A 91 -30.02 3.77 5.10
CA ASP A 91 -29.22 2.61 5.45
C ASP A 91 -28.79 1.86 4.19
N ILE A 92 -27.53 2.05 3.82
CA ILE A 92 -26.94 1.54 2.58
C ILE A 92 -25.58 0.96 2.91
N ASN A 93 -25.40 -0.31 2.54
CA ASN A 93 -24.18 -1.04 2.80
C ASN A 93 -23.43 -1.24 1.47
N LEU A 94 -22.12 -1.37 1.56
CA LEU A 94 -21.30 -1.59 0.40
C LEU A 94 -21.12 -3.11 0.29
N VAL A 95 -21.72 -3.70 -0.74
CA VAL A 95 -21.73 -5.15 -0.93
C VAL A 95 -20.91 -5.54 -2.13
N TYR A 96 -20.64 -6.84 -2.27
CA TYR A 96 -19.85 -7.29 -3.42
C TYR A 96 -20.01 -8.76 -3.68
N LYS A 97 -19.57 -9.15 -4.87
CA LYS A 97 -19.39 -10.56 -5.24
C LYS A 97 -18.05 -10.69 -5.93
N ARG A 98 -17.42 -11.83 -5.78
CA ARG A 98 -16.28 -12.20 -6.59
C ARG A 98 -16.61 -13.38 -7.45
N THR A 99 -15.88 -13.56 -8.52
CA THR A 99 -15.93 -14.83 -9.20
C THR A 99 -15.35 -15.91 -8.31
N LYS A 100 -15.86 -17.14 -8.46
CA LYS A 100 -15.43 -18.24 -7.62
C LYS A 100 -13.97 -18.59 -7.80
N THR A 101 -13.47 -18.43 -9.04
CA THR A 101 -12.09 -18.73 -9.36
C THR A 101 -11.44 -17.53 -10.00
N THR A 102 -10.13 -17.66 -10.24
CA THR A 102 -9.38 -16.62 -10.93
C THR A 102 -9.42 -16.72 -12.45
N SER A 103 -10.04 -17.79 -13.00
CA SER A 103 -9.97 -18.03 -14.44
C SER A 103 -11.31 -18.36 -15.10
N ASP A 104 -12.42 -18.10 -14.41
CA ASP A 104 -13.73 -18.32 -15.00
C ASP A 104 -14.31 -17.10 -15.71
N ASN A 105 -13.75 -15.92 -15.44
CA ASN A 105 -14.14 -14.70 -16.10
C ASN A 105 -15.61 -14.32 -15.93
N GLY A 106 -16.26 -14.86 -14.91
CA GLY A 106 -17.64 -14.54 -14.64
C GLY A 106 -18.57 -14.93 -15.76
N ALA A 107 -18.24 -15.99 -16.49
CA ALA A 107 -18.94 -16.30 -17.75
C ALA A 107 -20.39 -16.74 -17.59
N THR A 108 -20.69 -17.39 -16.47
CA THR A 108 -22.05 -17.86 -16.18
C THR A 108 -22.40 -17.49 -14.77
N LEU A 109 -23.68 -17.54 -14.45
CA LEU A 109 -24.13 -17.23 -13.12
C LEU A 109 -23.46 -18.12 -12.06
N SER A 110 -23.25 -19.41 -12.39
CA SER A 110 -22.60 -20.35 -11.51
C SER A 110 -21.13 -20.04 -11.21
N ASP A 111 -20.54 -19.10 -11.95
CA ASP A 111 -19.18 -18.66 -11.69
C ASP A 111 -19.06 -17.58 -10.64
N TRP A 112 -20.17 -17.16 -10.02
CA TRP A 112 -20.13 -16.05 -9.07
C TRP A 112 -20.42 -16.55 -7.65
N GLU A 113 -19.60 -16.08 -6.70
CA GLU A 113 -19.84 -16.31 -5.27
C GLU A 113 -21.12 -15.63 -4.83
N SER A 114 -21.60 -16.04 -3.67
CA SER A 114 -22.72 -15.38 -3.03
CA SER A 114 -22.71 -15.39 -2.99
C SER A 114 -22.34 -13.98 -2.51
N LEU A 115 -23.37 -13.19 -2.26
CA LEU A 115 -23.19 -11.81 -1.84
C LEU A 115 -22.43 -11.72 -0.54
N ARG A 116 -21.49 -10.78 -0.50
CA ARG A 116 -20.71 -10.44 0.68
C ARG A 116 -20.76 -8.94 0.95
N GLU A 117 -20.23 -8.54 2.10
CA GLU A 117 -20.25 -7.13 2.49
C GLU A 117 -18.86 -6.61 2.73
N VAL A 118 -18.55 -5.45 2.16
CA VAL A 118 -17.29 -4.77 2.45
C VAL A 118 -17.45 -4.05 3.77
N VAL A 119 -18.50 -3.23 3.86
CA VAL A 119 -18.78 -2.46 5.06
C VAL A 119 -20.26 -2.14 5.12
N GLY A 120 -20.80 -2.22 6.34
CA GLY A 120 -22.21 -1.91 6.55
C GLY A 120 -22.46 -1.49 7.98
N SER A 121 -21.46 -0.88 8.60
CA SER A 121 -21.58 -0.44 10.00
C SER A 121 -22.52 0.76 10.11
N GLY A 122 -23.23 0.81 11.24
CA GLY A 122 -24.18 1.88 11.51
C GLY A 122 -25.38 1.86 10.57
N ASP A 123 -26.19 2.91 10.66
CA ASP A 123 -27.39 3.04 9.83
C ASP A 123 -27.22 4.09 8.72
N GLY A 124 -25.96 4.43 8.45
CA GLY A 124 -25.62 5.44 7.45
C GLY A 124 -25.41 4.86 6.07
N THR A 125 -24.95 5.75 5.19
CA THR A 125 -24.79 5.45 3.79
C THR A 125 -23.33 5.20 3.46
N TRP A 126 -23.03 3.97 3.06
CA TRP A 126 -21.73 3.61 2.51
C TRP A 126 -21.94 3.34 1.02
N GLY A 127 -21.22 4.08 0.18
CA GLY A 127 -21.48 4.00 -1.24
C GLY A 127 -20.39 4.50 -2.14
N ASN A 128 -20.79 4.77 -3.38
CA ASN A 128 -19.85 5.24 -4.40
C ASN A 128 -18.60 4.37 -4.55
N PRO A 129 -18.79 3.05 -4.71
CA PRO A 129 -17.59 2.24 -4.89
C PRO A 129 -16.72 2.67 -6.11
N THR A 130 -15.43 2.87 -5.84
CA THR A 130 -14.49 3.30 -6.87
C THR A 130 -13.17 2.56 -6.62
N PRO A 131 -13.08 1.33 -7.11
CA PRO A 131 -11.88 0.52 -6.94
C PRO A 131 -10.79 0.82 -7.98
N VAL A 132 -9.53 0.58 -7.58
CA VAL A 132 -8.42 0.59 -8.50
C VAL A 132 -7.47 -0.53 -8.10
N VAL A 133 -6.99 -1.25 -9.10
CA VAL A 133 -6.11 -2.39 -8.90
C VAL A 133 -4.66 -1.92 -9.04
N ASP A 134 -3.83 -2.33 -8.07
CA ASP A 134 -2.39 -1.97 -8.06
C ASP A 134 -1.54 -3.19 -7.72
N1 SNN A 135 -0.91 -6.63 -6.57
C SNN A 135 -1.49 -6.15 -7.65
CA SNN A 135 -0.50 -5.36 -8.47
N SNN A 135 -0.99 -4.02 -8.81
C4 SNN A 135 0.75 -5.31 -7.58
C5 SNN A 135 0.33 -6.15 -6.38
O SNN A 135 -2.69 -6.24 -7.91
O5 SNN A 135 1.02 -6.35 -5.37
CA GLY A 136 -1.57 -7.45 -5.53
C GLY A 136 -2.47 -6.78 -4.52
N THR A 137 -2.76 -5.49 -4.74
CA THR A 137 -3.59 -4.73 -3.82
C THR A 137 -4.77 -4.14 -4.57
N ILE A 138 -5.96 -4.23 -4.01
CA ILE A 138 -7.12 -3.53 -4.55
CA ILE A 138 -7.11 -3.52 -4.55
C ILE A 138 -7.47 -2.41 -3.57
N TYR A 139 -7.45 -1.16 -4.06
CA TYR A 139 -7.85 -0.04 -3.27
C TYR A 139 -9.30 0.31 -3.61
N LEU A 140 -10.17 0.32 -2.62
CA LEU A 140 -11.58 0.67 -2.85
C LEU A 140 -11.86 1.98 -2.14
N PHE A 141 -11.99 3.04 -2.91
CA PHE A 141 -12.46 4.31 -2.39
C PHE A 141 -13.98 4.35 -2.31
N LEU A 142 -14.50 5.01 -1.28
CA LEU A 142 -15.92 5.02 -0.95
C LEU A 142 -16.33 6.38 -0.44
N SER A 143 -17.61 6.70 -0.60
CA SER A 143 -18.17 7.89 0.05
C SER A 143 -19.03 7.40 1.20
N TRP A 144 -19.21 8.27 2.20
CA TRP A 144 -20.07 7.99 3.34
C TRP A 144 -20.81 9.23 3.80
N ASN A 145 -22.04 9.05 4.28
CA ASN A 145 -22.69 10.10 5.09
C ASN A 145 -23.46 9.49 6.24
N ASN A 146 -23.61 10.30 7.29
CA ASN A 146 -24.45 9.96 8.42
C ASN A 146 -25.88 9.62 7.96
N GLY A 147 -26.50 8.63 8.60
CA GLY A 147 -27.82 8.16 8.20
C GLY A 147 -28.96 9.14 8.43
N SER A 148 -28.71 10.22 9.16
CA SER A 148 -29.71 11.27 9.40
C SER A 148 -29.67 12.42 8.39
N TYR A 149 -28.77 12.33 7.40
CA TYR A 149 -28.56 13.40 6.44
C TYR A 149 -28.79 12.88 5.02
N SER A 150 -29.23 13.79 4.14
CA SER A 150 -29.36 13.49 2.73
C SER A 150 -28.92 14.71 1.91
N GLN A 151 -28.67 14.48 0.62
CA GLN A 151 -28.15 15.52 -0.23
C GLN A 151 -29.05 16.77 -0.24
N LYS A 152 -30.36 16.56 -0.29
CA LYS A 152 -31.29 17.71 -0.33
C LYS A 152 -31.77 18.12 1.06
N GLY A 153 -31.76 17.17 1.99
CA GLY A 153 -32.43 17.36 3.28
C GLY A 153 -33.93 17.26 3.14
N GLY A 154 -34.64 17.05 4.26
CA GLY A 154 -36.10 17.01 4.24
C GLY A 154 -36.74 15.74 3.71
N ASP A 155 -35.94 14.68 3.59
CA ASP A 155 -36.45 13.40 3.10
C ASP A 155 -36.89 12.57 4.29
N GLU A 156 -37.97 11.82 4.11
CA GLU A 156 -38.47 10.98 5.19
C GLU A 156 -37.87 9.58 5.13
N LEU A 157 -37.22 9.17 6.21
CA LEU A 157 -36.67 7.84 6.33
C LEU A 157 -37.76 6.84 6.71
N PRO A 158 -37.48 5.53 6.55
CA PRO A 158 -38.49 4.51 6.91
C PRO A 158 -39.01 4.64 8.34
N ASP A 159 -38.15 4.98 9.31
CA ASP A 159 -38.58 5.13 10.69
C ASP A 159 -39.28 6.48 10.99
N GLY A 160 -39.61 7.24 9.95
CA GLY A 160 -40.34 8.50 10.13
C GLY A 160 -39.47 9.76 10.23
N THR A 161 -38.21 9.61 10.62
CA THR A 161 -37.35 10.77 10.80
C THR A 161 -37.13 11.51 9.47
N ILE A 162 -37.01 12.82 9.58
CA ILE A 162 -36.80 13.69 8.44
C ILE A 162 -35.32 14.05 8.39
N THR A 163 -34.66 13.82 7.24
CA THR A 163 -33.24 14.09 7.15
C THR A 163 -32.87 15.57 7.23
N LYS A 164 -31.68 15.86 7.75
CA LYS A 164 -31.05 17.16 7.62
C LYS A 164 -30.28 17.21 6.31
N LYS A 165 -30.11 18.41 5.75
CA LYS A 165 -29.31 18.57 4.55
C LYS A 165 -27.82 18.38 4.85
N ILE A 166 -27.12 17.62 4.00
CA ILE A 166 -25.66 17.52 4.06
C ILE A 166 -25.05 18.93 4.18
N ASP A 167 -24.13 19.11 5.12
CA ASP A 167 -23.55 20.43 5.34
C ASP A 167 -22.05 20.33 5.47
N THR A 168 -21.39 21.40 5.92
CA THR A 168 -19.93 21.45 5.94
C THR A 168 -19.32 20.96 7.26
N THR A 169 -20.15 20.59 8.22
CA THR A 169 -19.66 20.12 9.51
C THR A 169 -19.07 18.73 9.36
N TRP A 170 -18.13 18.39 10.22
CA TRP A 170 -17.58 17.03 10.25
C TRP A 170 -18.66 15.96 10.30
N TYR A 171 -19.67 16.19 11.13
CA TYR A 171 -20.72 15.23 11.38
C TYR A 171 -21.71 15.12 10.18
N GLY A 172 -21.96 16.23 9.51
CA GLY A 172 -22.98 16.28 8.48
C GLY A 172 -22.47 16.36 7.06
N ARG A 173 -21.17 16.25 6.88
CA ARG A 173 -20.61 16.30 5.51
C ARG A 173 -20.45 14.91 4.95
N ARG A 174 -20.23 14.86 3.64
CA ARG A 174 -19.83 13.61 3.00
C ARG A 174 -18.35 13.33 3.22
N HIS A 175 -18.06 12.11 3.67
CA HIS A 175 -16.70 11.68 3.93
C HIS A 175 -16.16 10.82 2.79
N LEU A 176 -14.83 10.68 2.77
CA LEU A 176 -14.13 9.87 1.79
C LEU A 176 -13.36 8.80 2.56
N TYR A 177 -13.60 7.54 2.22
CA TYR A 177 -12.99 6.41 2.89
C TYR A 177 -12.20 5.55 1.92
N LEU A 178 -11.17 4.86 2.45
CA LEU A 178 -10.41 3.90 1.71
C LEU A 178 -10.38 2.59 2.47
N THR A 179 -10.78 1.52 1.80
CA THR A 179 -10.61 0.16 2.32
C THR A 179 -9.77 -0.62 1.30
N THR A 180 -8.91 -1.52 1.78
CA THR A 180 -7.96 -2.17 0.89
CA THR A 180 -7.91 -2.15 0.93
C THR A 180 -8.03 -3.66 1.07
N SER A 181 -7.84 -4.38 -0.02
CA SER A 181 -7.74 -5.85 0.01
C SER A 181 -6.42 -6.27 -0.56
N THR A 182 -5.73 -7.19 0.14
CA THR A 182 -4.45 -7.70 -0.34
C THR A 182 -4.53 -9.22 -0.54
N ASP A 183 -5.77 -9.74 -0.51
CA ASP A 183 -6.02 -11.17 -0.74
C ASP A 183 -7.12 -11.39 -1.80
N ASP A 184 -7.02 -10.62 -2.88
CA ASP A 184 -7.85 -10.81 -4.07
C ASP A 184 -9.31 -10.59 -3.75
N GLY A 185 -9.58 -9.65 -2.86
CA GLY A 185 -10.94 -9.30 -2.48
C GLY A 185 -11.60 -10.17 -1.43
N ASN A 186 -10.86 -11.12 -0.84
CA ASN A 186 -11.49 -12.02 0.11
C ASN A 186 -11.82 -11.30 1.40
N THR A 187 -10.92 -10.42 1.83
CA THR A 187 -11.14 -9.63 3.05
C THR A 187 -10.71 -8.19 2.79
N TRP A 188 -11.23 -7.29 3.61
CA TRP A 188 -11.09 -5.85 3.43
C TRP A 188 -10.68 -5.19 4.73
N SER A 189 -9.75 -4.24 4.67
CA SER A 189 -9.32 -3.52 5.87
C SER A 189 -10.46 -2.69 6.41
N LYS A 190 -10.39 -2.37 7.69
CA LYS A 190 -11.33 -1.44 8.27
C LYS A 190 -11.20 -0.11 7.53
N PRO A 191 -12.30 0.41 6.96
CA PRO A 191 -12.17 1.64 6.17
C PRO A 191 -11.53 2.78 6.92
N GLN A 192 -10.61 3.46 6.24
CA GLN A 192 -9.83 4.57 6.79
C GLN A 192 -10.46 5.85 6.27
N ASP A 193 -10.76 6.78 7.17
CA ASP A 193 -11.37 8.07 6.80
C ASP A 193 -10.27 8.99 6.33
N LEU A 194 -10.28 9.31 5.04
CA LEU A 194 -9.26 10.15 4.43
C LEU A 194 -9.80 11.53 4.01
N THR A 195 -10.94 11.90 4.58
CA THR A 195 -11.60 13.15 4.23
C THR A 195 -10.68 14.36 4.46
N LYS A 196 -9.99 14.41 5.60
CA LYS A 196 -9.15 15.58 5.88
C LYS A 196 -7.95 15.69 4.96
N GLU A 197 -7.45 14.55 4.47
CA GLU A 197 -6.35 14.50 3.55
C GLU A 197 -6.75 14.76 2.10
N LEU A 198 -7.90 14.22 1.69
CA LEU A 198 -8.21 14.07 0.27
C LEU A 198 -9.50 14.74 -0.18
N THR A 199 -10.17 15.43 0.72
CA THR A 199 -11.29 16.27 0.38
C THR A 199 -11.02 17.70 0.86
N PRO A 200 -11.28 18.70 0.00
CA PRO A 200 -11.07 20.05 0.48
C PRO A 200 -11.87 20.40 1.72
N ASP A 201 -11.22 21.11 2.63
CA ASP A 201 -11.92 21.67 3.78
C ASP A 201 -13.06 22.55 3.32
N GLY A 202 -14.17 22.49 4.06
CA GLY A 202 -15.34 23.31 3.78
C GLY A 202 -16.27 22.81 2.71
N TRP A 203 -16.01 21.61 2.19
CA TRP A 203 -16.99 20.99 1.31
C TRP A 203 -18.12 20.35 2.12
N SER A 204 -19.28 20.26 1.51
CA SER A 204 -20.42 19.59 2.10
C SER A 204 -20.66 18.29 1.33
N TRP A 205 -21.36 18.37 0.21
CA TRP A 205 -21.49 17.24 -0.69
C TRP A 205 -20.12 16.81 -1.23
N ASP A 206 -19.99 15.52 -1.49
CA ASP A 206 -18.81 14.98 -2.17
C ASP A 206 -19.19 13.65 -2.78
N ALA A 207 -18.39 13.25 -3.76
CA ALA A 207 -18.52 11.92 -4.36
C ALA A 207 -17.16 11.49 -4.83
N VAL A 208 -16.91 10.18 -4.79
CA VAL A 208 -15.78 9.59 -5.47
C VAL A 208 -16.38 8.68 -6.55
N GLY A 209 -15.74 8.64 -7.72
CA GLY A 209 -16.32 7.92 -8.85
C GLY A 209 -17.80 8.25 -9.00
N PRO A 210 -18.70 7.27 -9.05
CA PRO A 210 -18.42 5.85 -8.82
C PRO A 210 -18.00 5.11 -10.09
N GLY A 211 -17.36 3.95 -9.94
CA GLY A 211 -16.99 3.14 -11.11
C GLY A 211 -15.63 2.54 -10.95
N ASN A 212 -14.60 3.31 -11.28
CA ASN A 212 -13.22 2.80 -11.15
C ASN A 212 -12.19 3.90 -11.23
N GLY A 213 -11.03 3.62 -10.65
CA GLY A 213 -9.83 4.35 -10.87
C GLY A 213 -8.92 3.57 -11.81
N ILE A 214 -7.74 4.12 -12.07
CA ILE A 214 -6.85 3.61 -13.10
C ILE A 214 -5.41 3.64 -12.61
N LYS A 215 -4.57 2.84 -13.27
CA LYS A 215 -3.13 2.89 -13.07
C LYS A 215 -2.51 3.31 -14.38
N LEU A 216 -1.70 4.36 -14.35
CA LEU A 216 -1.12 4.92 -15.56
C LEU A 216 0.05 4.05 -16.04
N SER A 217 0.35 4.19 -17.32
CA SER A 217 1.55 3.59 -17.90
C SER A 217 2.81 3.97 -17.13
N SER A 218 2.81 5.18 -16.55
CA SER A 218 3.92 5.69 -15.76
C SER A 218 3.90 5.29 -14.29
N GLY A 219 2.85 4.57 -13.87
CA GLY A 219 2.84 3.94 -12.54
C GLY A 219 1.91 4.55 -11.52
N GLU A 220 1.49 5.79 -11.71
CA GLU A 220 0.62 6.44 -10.73
C GLU A 220 -0.79 5.85 -10.77
N LEU A 221 -1.46 5.94 -9.64
CA LEU A 221 -2.89 5.61 -9.53
C LEU A 221 -3.68 6.89 -9.60
N VAL A 222 -4.78 6.87 -10.36
CA VAL A 222 -5.61 8.08 -10.49
C VAL A 222 -7.07 7.66 -10.30
N VAL A 223 -7.69 8.27 -9.31
CA VAL A 223 -9.07 7.94 -8.90
C VAL A 223 -9.90 9.20 -9.12
N PRO A 224 -10.92 9.14 -10.00
CA PRO A 224 -11.73 10.32 -10.28
C PRO A 224 -12.68 10.57 -9.11
N ALA A 225 -12.86 11.86 -8.81
CA ALA A 225 -13.74 12.28 -7.73
C ALA A 225 -14.34 13.62 -8.08
N MET A 226 -15.26 14.08 -7.26
CA MET A 226 -15.93 15.36 -7.49
C MET A 226 -14.87 16.47 -7.51
N GLY A 227 -14.84 17.23 -8.59
CA GLY A 227 -13.95 18.39 -8.69
C GLY A 227 -12.45 18.13 -8.60
N ARG A 228 -12.00 16.88 -8.76
CA ARG A 228 -10.61 16.54 -8.46
C ARG A 228 -10.27 15.11 -8.86
N ASN A 229 -8.97 14.88 -9.08
CA ASN A 229 -8.43 13.51 -9.09
C ASN A 229 -7.79 13.26 -7.75
N ILE A 230 -7.92 12.03 -7.27
CA ILE A 230 -7.15 11.54 -6.14
C ILE A 230 -6.00 10.76 -6.75
N VAL A 231 -4.76 11.12 -6.39
CA VAL A 231 -3.59 10.63 -7.09
C VAL A 231 -2.69 9.86 -6.12
N GLY A 232 -2.41 8.61 -6.47
CA GLY A 232 -1.49 7.74 -5.69
C GLY A 232 -0.15 7.64 -6.37
N ARG A 233 0.82 8.38 -5.83
CA ARG A 233 2.19 8.29 -6.30
C ARG A 233 2.95 7.27 -5.46
N GLY A 234 4.28 7.21 -5.61
CA GLY A 234 5.05 6.14 -5.00
C GLY A 234 5.06 4.91 -5.89
N THR A 235 5.04 3.74 -5.25
CA THR A 235 5.16 2.48 -5.98
C THR A 235 4.21 1.47 -5.35
N PRO A 236 3.99 0.33 -6.02
CA PRO A 236 3.14 -0.69 -5.42
C PRO A 236 3.69 -1.09 -4.03
N GLY A 237 2.79 -1.14 -3.05
CA GLY A 237 3.18 -1.44 -1.68
C GLY A 237 3.60 -0.20 -0.87
N GLN A 238 3.66 0.97 -1.51
CA GLN A 238 4.08 2.17 -0.85
C GLN A 238 3.55 3.39 -1.62
N ARG A 239 2.23 3.54 -1.53
CA ARG A 239 1.53 4.60 -2.23
C ARG A 239 1.34 5.79 -1.32
N THR A 240 1.44 6.98 -1.90
CA THR A 240 1.21 8.24 -1.21
C THR A 240 0.13 9.01 -1.98
N TRP A 241 -0.83 9.51 -1.25
CA TRP A 241 -2.04 10.08 -1.85
C TRP A 241 -2.10 11.60 -1.72
N SER A 242 -2.55 12.25 -2.80
CA SER A 242 -2.76 13.68 -2.78
C SER A 242 -3.90 14.04 -3.76
N VAL A 243 -4.23 15.31 -3.84
CA VAL A 243 -5.37 15.79 -4.61
C VAL A 243 -4.88 16.65 -5.76
N GLN A 244 -5.41 16.41 -6.96
CA GLN A 244 -5.27 17.33 -8.08
C GLN A 244 -6.63 17.98 -8.32
N ARG A 245 -6.77 19.26 -7.93
CA ARG A 245 -8.06 19.96 -8.09
C ARG A 245 -8.29 20.27 -9.57
N LEU A 246 -9.55 20.10 -10.00
CA LEU A 246 -9.96 20.33 -11.39
C LEU A 246 -11.15 21.27 -11.42
N ASN A 247 -10.95 22.52 -11.77
CA ASN A 247 -12.10 23.44 -11.79
C ASN A 247 -13.04 23.04 -12.94
N GLY A 248 -14.33 23.00 -12.61
CA GLY A 248 -15.35 22.71 -13.61
C GLY A 248 -15.59 21.23 -13.85
N ALA A 249 -14.89 20.37 -13.13
CA ALA A 249 -15.19 18.92 -13.25
C ALA A 249 -16.56 18.60 -12.68
N GLY A 250 -17.10 17.45 -13.06
CA GLY A 250 -18.33 16.97 -12.50
C GLY A 250 -18.19 16.44 -11.10
N ALA A 251 -19.34 16.12 -10.51
CA ALA A 251 -19.40 15.41 -9.25
C ALA A 251 -19.09 13.95 -9.45
N GLU A 252 -19.60 13.34 -10.53
CA GLU A 252 -19.35 11.94 -10.84
C GLU A 252 -18.51 11.85 -12.13
N GLY A 253 -17.23 11.60 -11.94
CA GLY A 253 -16.26 11.60 -13.01
C GLY A 253 -15.80 10.22 -13.40
N THR A 254 -15.25 10.15 -14.62
CA THR A 254 -14.55 9.00 -15.10
C THR A 254 -13.22 9.48 -15.62
N VAL A 255 -12.24 8.59 -15.63
CA VAL A 255 -10.89 8.95 -16.09
C VAL A 255 -10.28 7.76 -16.80
N CYS A 256 -9.52 8.02 -17.85
CA CYS A 256 -8.65 7.00 -18.41
C CYS A 256 -7.44 7.68 -19.03
N GLU A 257 -6.45 6.87 -19.34
CA GLU A 257 -5.29 7.33 -20.11
C GLU A 257 -5.60 7.07 -21.58
N THR A 258 -5.45 8.11 -22.41
CA THR A 258 -5.65 7.97 -23.83
C THR A 258 -4.36 7.53 -24.53
N PRO A 259 -4.48 7.08 -25.80
CA PRO A 259 -3.29 6.57 -26.53
C PRO A 259 -2.12 7.54 -26.64
N ASP A 260 -2.39 8.84 -26.61
CA ASP A 260 -1.33 9.83 -26.60
C ASP A 260 -0.61 9.97 -25.25
N GLY A 261 -1.01 9.18 -24.25
CA GLY A 261 -0.36 9.20 -22.94
C GLY A 261 -0.90 10.26 -21.98
N LYS A 262 -1.91 11.01 -22.40
CA LYS A 262 -2.49 12.01 -21.53
C LYS A 262 -3.67 11.41 -20.76
N LEU A 263 -4.17 12.18 -19.81
CA LEU A 263 -5.35 11.83 -19.05
C LEU A 263 -6.59 12.44 -19.68
N TYR A 264 -7.71 11.74 -19.48
CA TYR A 264 -8.99 12.11 -20.09
C TYR A 264 -10.04 11.97 -19.01
N ARG A 265 -10.68 13.08 -18.66
CA ARG A 265 -11.82 13.08 -17.72
C ARG A 265 -13.09 13.20 -18.56
N ASN A 266 -14.06 12.30 -18.33
CA ASN A 266 -15.32 12.32 -19.04
C ASN A 266 -16.40 12.20 -17.94
N ASP A 267 -17.02 13.33 -17.63
CA ASP A 267 -17.83 13.42 -16.41
C ASP A 267 -19.31 13.63 -16.70
N ARG A 268 -20.13 13.30 -15.70
CA ARG A 268 -21.56 13.58 -15.73
C ARG A 268 -21.79 15.09 -15.65
N PRO A 269 -22.62 15.63 -16.54
CA PRO A 269 -22.89 17.07 -16.49
C PRO A 269 -23.85 17.41 -15.39
N SER A 270 -23.87 18.68 -14.97
CA SER A 270 -24.73 19.11 -13.91
C SER A 270 -26.18 19.17 -14.36
N LYS A 271 -26.40 19.34 -15.65
CA LYS A 271 -27.72 19.30 -16.24
C LYS A 271 -27.69 18.41 -17.48
N ALA A 272 -28.85 17.83 -17.78
CA ALA A 272 -28.96 16.90 -18.88
C ALA A 272 -28.55 17.55 -20.19
N GLY A 273 -27.92 16.76 -21.04
CA GLY A 273 -27.52 17.21 -22.35
C GLY A 273 -26.42 16.35 -22.92
N TYR A 274 -25.21 16.57 -22.42
CA TYR A 274 -24.01 15.95 -22.98
C TYR A 274 -22.97 15.74 -21.90
N ARG A 275 -22.13 14.73 -22.09
CA ARG A 275 -20.96 14.55 -21.23
C ARG A 275 -20.09 15.80 -21.29
N ILE A 276 -19.33 16.03 -20.22
CA ILE A 276 -18.31 17.09 -20.23
C ILE A 276 -16.95 16.44 -20.15
N VAL A 277 -16.02 16.97 -20.94
CA VAL A 277 -14.71 16.35 -21.14
C VAL A 277 -13.58 17.34 -20.91
N ALA A 278 -12.50 16.87 -20.28
CA ALA A 278 -11.28 17.65 -20.16
C ALA A 278 -10.10 16.72 -20.29
N ARG A 279 -8.97 17.27 -20.73
CA ARG A 279 -7.74 16.47 -20.95
C ARG A 279 -6.58 17.15 -20.30
N GLY A 280 -5.60 16.36 -19.88
CA GLY A 280 -4.48 16.94 -19.16
C GLY A 280 -3.48 15.90 -18.70
N THR A 281 -2.63 16.33 -17.77
CA THR A 281 -1.61 15.48 -17.19
C THR A 281 -1.50 15.76 -15.72
N LEU A 282 -0.89 14.83 -15.00
CA LEU A 282 -0.61 15.02 -13.60
C LEU A 282 0.34 16.19 -13.38
N SER A 283 1.33 16.36 -14.25
CA SER A 283 2.34 17.40 -14.02
C SER A 283 1.88 18.79 -14.47
N ASP A 284 1.05 18.88 -15.49
CA ASP A 284 0.71 20.20 -16.05
C ASP A 284 -0.74 20.57 -15.90
N GLY A 285 -1.56 19.65 -15.40
CA GLY A 285 -2.95 19.97 -15.11
C GLY A 285 -3.82 19.77 -16.32
N PHE A 286 -5.07 20.23 -16.20
CA PHE A 286 -6.11 19.95 -17.17
C PHE A 286 -6.63 21.18 -17.89
N SER A 287 -7.16 20.94 -19.09
CA SER A 287 -7.96 21.94 -19.81
C SER A 287 -9.23 22.25 -19.02
N ASP A 288 -9.94 23.28 -19.42
CA ASP A 288 -11.28 23.44 -18.90
C ASP A 288 -12.15 22.29 -19.43
N PHE A 289 -13.25 22.04 -18.75
CA PHE A 289 -14.24 21.08 -19.21
C PHE A 289 -15.16 21.70 -20.26
N ALA A 290 -15.47 20.91 -21.28
CA ALA A 290 -16.36 21.33 -22.36
C ALA A 290 -17.35 20.22 -22.67
N SER A 291 -18.56 20.63 -23.06
CA SER A 291 -19.57 19.69 -23.54
C SER A 291 -19.08 18.96 -24.77
N ASP A 292 -19.33 17.66 -24.80
CA ASP A 292 -18.98 16.84 -25.94
C ASP A 292 -20.25 16.52 -26.71
N SER A 293 -20.47 17.22 -27.82
CA SER A 293 -21.74 17.08 -28.54
C SER A 293 -21.92 15.71 -29.21
N GLY A 294 -20.85 14.92 -29.26
CA GLY A 294 -20.94 13.56 -29.76
C GLY A 294 -21.45 12.54 -28.77
N LEU A 295 -21.57 12.93 -27.50
CA LEU A 295 -21.92 12.01 -26.41
C LEU A 295 -23.07 12.57 -25.58
N PRO A 296 -24.30 12.43 -26.09
CA PRO A 296 -25.46 12.86 -25.30
C PRO A 296 -25.53 12.07 -24.02
N ASP A 297 -26.05 12.75 -22.99
CA ASP A 297 -26.17 12.14 -21.66
C ASP A 297 -27.34 12.78 -20.94
N PRO A 298 -28.08 12.01 -20.16
CA PRO A 298 -29.27 12.54 -19.51
C PRO A 298 -29.02 13.06 -18.08
N ALA A 299 -27.77 13.36 -17.77
CA ALA A 299 -27.30 13.65 -16.40
C ALA A 299 -27.36 12.36 -15.59
N CYS A 300 -26.42 11.47 -15.94
CA CYS A 300 -26.29 10.18 -15.31
C CYS A 300 -24.82 9.80 -15.36
N GLN A 301 -24.43 8.91 -14.46
CA GLN A 301 -23.07 8.41 -14.47
C GLN A 301 -22.82 7.62 -15.74
N GLY A 302 -21.56 7.57 -16.15
CA GLY A 302 -21.11 6.72 -17.23
C GLY A 302 -19.81 6.04 -16.85
N SER A 303 -19.22 5.32 -17.81
CA SER A 303 -17.97 4.57 -17.58
C SER A 303 -17.10 4.60 -18.80
N VAL A 304 -15.80 4.52 -18.56
CA VAL A 304 -14.80 4.59 -19.64
C VAL A 304 -13.72 3.58 -19.32
N LEU A 305 -13.08 3.05 -20.36
CA LEU A 305 -12.08 2.02 -20.17
C LEU A 305 -11.00 2.09 -21.25
N LYS A 306 -9.75 2.13 -20.83
CA LYS A 306 -8.63 1.90 -21.76
C LYS A 306 -8.58 0.41 -22.04
N TYR A 307 -8.88 0.01 -23.28
CA TYR A 307 -8.97 -1.41 -23.61
C TYR A 307 -7.63 -2.01 -23.93
N ASN A 308 -6.83 -1.29 -24.71
CA ASN A 308 -5.52 -1.81 -25.13
C ASN A 308 -4.64 -0.67 -25.63
N THR A 309 -3.33 -0.94 -25.60
CA THR A 309 -2.30 0.05 -25.90
C THR A 309 -1.54 -0.22 -27.21
N ASP A 310 -1.66 -1.38 -27.84
CA ASP A 310 -1.05 -1.50 -29.19
C ASP A 310 -2.07 -1.41 -30.30
N ALA A 311 -1.61 -1.65 -31.53
CA ALA A 311 -2.35 -1.31 -32.71
C ALA A 311 -3.60 -2.17 -32.84
N PRO A 312 -4.78 -1.55 -32.99
CA PRO A 312 -5.03 -0.12 -32.84
C PRO A 312 -5.48 0.16 -31.40
N PRO A 313 -4.94 1.21 -30.75
CA PRO A 313 -5.37 1.50 -29.38
C PRO A 313 -6.84 1.90 -29.34
N ARG A 314 -7.55 1.46 -28.29
CA ARG A 314 -8.99 1.71 -28.20
C ARG A 314 -9.34 2.17 -26.80
N THR A 315 -10.17 3.20 -26.76
CA THR A 315 -10.88 3.64 -25.55
C THR A 315 -12.34 3.22 -25.69
N ILE A 316 -12.91 2.63 -24.63
CA ILE A 316 -14.30 2.23 -24.63
C ILE A 316 -15.09 3.18 -23.74
N PHE A 317 -16.28 3.56 -24.19
CA PHE A 317 -17.15 4.41 -23.41
C PHE A 317 -18.56 3.83 -23.36
N LEU A 318 -19.22 3.98 -22.21
CA LEU A 318 -20.56 3.43 -21.98
C LEU A 318 -21.39 4.43 -21.17
N ASN A 319 -22.56 4.80 -21.71
CA ASN A 319 -23.50 5.65 -20.96
C ASN A 319 -24.86 5.46 -21.62
N SER A 320 -25.87 6.20 -21.14
CA SER A 320 -27.16 6.24 -21.87
C SER A 320 -27.06 7.33 -22.88
N ALA A 321 -27.09 6.96 -24.17
CA ALA A 321 -26.86 7.90 -25.29
C ALA A 321 -28.14 8.62 -25.64
N SER A 322 -28.52 9.48 -24.71
CA SER A 322 -29.79 10.22 -24.78
C SER A 322 -29.68 11.44 -23.89
N SER A 323 -30.33 12.53 -24.26
CA SER A 323 -30.33 13.71 -23.42
C SER A 323 -31.44 13.69 -22.38
N ASP A 324 -32.34 12.72 -22.45
CA ASP A 324 -33.46 12.67 -21.48
C ASP A 324 -33.85 11.33 -20.88
N SER A 325 -33.21 10.25 -21.28
CA SER A 325 -33.57 8.92 -20.74
C SER A 325 -32.32 8.17 -20.34
N ARG A 326 -32.42 7.37 -19.28
CA ARG A 326 -31.33 6.43 -18.89
C ARG A 326 -31.44 5.06 -19.57
N ARG A 327 -32.47 4.87 -20.40
CA ARG A 327 -32.72 3.57 -21.03
C ARG A 327 -32.23 3.48 -22.45
N GLN A 328 -31.13 4.15 -22.77
CA GLN A 328 -30.57 4.10 -24.11
C GLN A 328 -29.07 3.73 -24.04
N MET A 329 -28.77 2.71 -23.26
CA MET A 329 -27.39 2.33 -23.05
C MET A 329 -26.67 2.01 -24.35
N ARG A 330 -25.50 2.59 -24.51
CA ARG A 330 -24.72 2.46 -25.72
C ARG A 330 -23.24 2.34 -25.37
N VAL A 331 -22.59 1.29 -25.85
CA VAL A 331 -21.16 1.09 -25.70
C VAL A 331 -20.48 1.47 -27.02
N ARG A 332 -19.39 2.20 -26.92
CA ARG A 332 -18.71 2.76 -28.08
C ARG A 332 -17.20 2.63 -27.98
N ILE A 333 -16.53 2.73 -29.13
CA ILE A 333 -15.08 2.66 -29.24
C ILE A 333 -14.57 3.95 -29.88
N SER A 334 -13.50 4.50 -29.33
CA SER A 334 -12.71 5.53 -29.98
C SER A 334 -11.32 5.02 -30.28
N TYR A 335 -10.86 5.29 -31.51
CA TYR A 335 -9.50 5.03 -31.91
C TYR A 335 -8.59 6.26 -31.85
N ASP A 336 -9.15 7.41 -31.51
CA ASP A 336 -8.38 8.65 -31.54
C ASP A 336 -7.34 8.71 -30.43
N ALA A 337 -6.22 9.37 -30.71
CA ALA A 337 -5.16 9.49 -29.73
C ALA A 337 -5.60 10.23 -28.47
N ASP A 338 -6.60 11.10 -28.61
CA ASP A 338 -7.12 11.88 -27.52
C ASP A 338 -8.58 11.54 -27.23
N ALA A 339 -9.06 10.40 -27.74
CA ALA A 339 -10.45 9.99 -27.61
C ALA A 339 -11.49 11.06 -28.00
N ALA A 340 -11.17 11.86 -29.02
CA ALA A 340 -12.06 12.94 -29.44
C ALA A 340 -13.40 12.44 -29.96
N LYS A 341 -13.36 11.43 -30.81
CA LYS A 341 -14.57 10.92 -31.48
C LYS A 341 -14.75 9.43 -31.29
N TYR A 342 -16.00 9.05 -31.07
CA TYR A 342 -16.41 7.67 -30.91
C TYR A 342 -17.26 7.22 -32.09
N ASP A 343 -17.26 5.92 -32.33
CA ASP A 343 -18.23 5.34 -33.24
C ASP A 343 -19.64 5.35 -32.66
N TYR A 344 -20.62 5.00 -33.48
CA TYR A 344 -21.99 4.86 -33.01
C TYR A 344 -22.02 3.80 -31.92
N GLY A 345 -21.29 2.72 -32.15
CA GLY A 345 -21.16 1.65 -31.16
C GLY A 345 -22.32 0.72 -31.23
N ARG A 346 -22.78 0.23 -30.09
CA ARG A 346 -23.92 -0.66 -30.10
C ARG A 346 -24.81 -0.46 -28.90
N LYS A 347 -26.11 -0.53 -29.15
CA LYS A 347 -27.12 -0.50 -28.11
C LYS A 347 -27.14 -1.81 -27.32
N LEU A 348 -27.08 -1.71 -26.01
CA LEU A 348 -27.17 -2.90 -25.18
C LEU A 348 -28.56 -3.58 -25.36
N ALA A 349 -29.57 -2.80 -25.70
CA ALA A 349 -30.89 -3.36 -25.98
C ALA A 349 -30.92 -4.36 -27.15
N ASP A 350 -29.87 -4.37 -27.97
CA ASP A 350 -29.73 -5.41 -29.02
C ASP A 350 -29.57 -6.81 -28.40
N ALA A 351 -29.15 -6.89 -27.13
CA ALA A 351 -29.04 -8.17 -26.43
C ALA A 351 -29.71 -8.04 -25.05
N PRO A 352 -31.03 -7.94 -25.05
CA PRO A 352 -31.74 -7.61 -23.82
C PRO A 352 -31.85 -8.78 -22.85
N VAL A 353 -32.01 -8.43 -21.58
CA VAL A 353 -32.28 -9.35 -20.52
C VAL A 353 -33.76 -9.29 -20.19
N SER A 354 -34.36 -10.44 -19.90
CA SER A 354 -35.76 -10.50 -19.43
C SER A 354 -35.86 -10.81 -17.94
N GLY A 355 -36.89 -10.27 -17.29
CA GLY A 355 -37.19 -10.59 -15.91
C GLY A 355 -36.36 -9.87 -14.85
N ALA A 356 -35.61 -8.85 -15.26
CA ALA A 356 -34.77 -8.10 -14.34
C ALA A 356 -35.01 -6.60 -14.43
N GLY A 357 -36.16 -6.19 -14.98
CA GLY A 357 -36.55 -4.79 -15.07
C GLY A 357 -36.10 -4.18 -16.38
N TYR A 358 -36.21 -2.86 -16.45
CA TYR A 358 -35.89 -2.09 -17.63
C TYR A 358 -34.46 -1.57 -17.46
N GLU A 359 -33.58 -2.06 -18.31
CA GLU A 359 -32.14 -1.81 -18.15
C GLU A 359 -31.78 -0.38 -18.52
N GLY A 360 -30.93 0.23 -17.72
CA GLY A 360 -30.36 1.52 -18.00
C GLY A 360 -30.07 2.28 -16.73
N GLY A 361 -28.92 2.95 -16.71
CA GLY A 361 -28.54 3.81 -15.63
C GLY A 361 -27.03 3.79 -15.50
N TYR A 362 -26.56 3.76 -14.25
CA TYR A 362 -25.13 3.75 -13.97
C TYR A 362 -24.51 2.45 -14.50
N SER A 363 -23.22 2.53 -14.85
CA SER A 363 -22.53 1.39 -15.40
C SER A 363 -21.07 1.35 -14.96
N SER A 364 -20.45 0.17 -15.10
CA SER A 364 -19.02 0.04 -14.90
C SER A 364 -18.46 -1.02 -15.84
N MET A 365 -17.25 -0.79 -16.34
CA MET A 365 -16.59 -1.73 -17.24
C MET A 365 -15.19 -2.12 -16.76
N THR A 366 -14.85 -3.37 -17.06
CA THR A 366 -13.49 -3.85 -16.94
C THR A 366 -13.16 -4.71 -18.16
N LYS A 367 -11.88 -4.97 -18.37
CA LYS A 367 -11.47 -5.93 -19.38
C LYS A 367 -11.21 -7.25 -18.64
N THR A 368 -11.90 -8.29 -19.05
CA THR A 368 -11.67 -9.61 -18.47
C THR A 368 -10.37 -10.25 -18.91
N ALA A 369 -9.98 -11.30 -18.19
CA ALA A 369 -8.74 -12.01 -18.55
C ALA A 369 -8.90 -12.82 -19.83
N ASP A 370 -10.14 -13.10 -20.25
CA ASP A 370 -10.40 -13.70 -21.58
C ASP A 370 -10.80 -12.68 -22.63
N TYR A 371 -10.34 -11.44 -22.47
CA TYR A 371 -10.44 -10.47 -23.56
C TYR A 371 -11.86 -10.15 -23.99
N LYS A 372 -12.69 -9.93 -22.99
CA LYS A 372 -14.03 -9.41 -23.17
C LYS A 372 -14.14 -8.09 -22.40
N ILE A 373 -15.08 -7.28 -22.81
CA ILE A 373 -15.57 -6.20 -21.95
C ILE A 373 -16.58 -6.82 -21.00
N GLY A 374 -16.33 -6.70 -19.70
CA GLY A 374 -17.26 -7.07 -18.66
C GLY A 374 -17.91 -5.79 -18.13
N ALA A 375 -19.23 -5.70 -18.17
CA ALA A 375 -19.92 -4.50 -17.76
C ALA A 375 -21.02 -4.81 -16.77
N LEU A 376 -21.14 -3.96 -15.77
CA LEU A 376 -22.31 -3.95 -14.88
C LEU A 376 -23.18 -2.80 -15.28
N VAL A 377 -24.50 -3.02 -15.37
CA VAL A 377 -25.45 -1.98 -15.76
C VAL A 377 -26.68 -2.04 -14.85
N GLU A 378 -27.10 -0.89 -14.36
CA GLU A 378 -28.30 -0.80 -13.54
C GLU A 378 -29.55 -1.14 -14.34
N SER A 379 -30.56 -1.65 -13.62
CA SER A 379 -31.88 -1.93 -14.24
C SER A 379 -32.95 -1.63 -13.20
N ASP A 380 -34.14 -1.27 -13.68
CA ASP A 380 -35.16 -0.68 -12.81
C ASP A 380 -36.48 -1.35 -13.15
N PHE A 381 -37.08 -2.02 -12.19
CA PHE A 381 -38.37 -2.69 -12.41
C PHE A 381 -39.52 -1.70 -12.62
N PHE A 382 -39.37 -0.49 -12.09
CA PHE A 382 -40.33 0.59 -12.34
C PHE A 382 -41.73 0.26 -11.78
N ASN A 383 -41.78 -0.61 -10.78
CA ASN A 383 -43.07 -1.06 -10.24
C ASN A 383 -43.75 0.06 -9.44
N ASP A 384 -42.98 1.00 -8.90
CA ASP A 384 -43.49 2.17 -8.20
C ASP A 384 -43.18 3.44 -9.04
N GLY A 385 -43.08 3.28 -10.36
CA GLY A 385 -42.66 4.36 -11.26
C GLY A 385 -41.33 4.95 -10.79
N THR A 386 -41.27 6.28 -10.72
CA THR A 386 -40.09 6.99 -10.24
C THR A 386 -39.95 7.00 -8.72
N GLY A 387 -40.87 6.38 -7.99
CA GLY A 387 -40.81 6.42 -6.53
C GLY A 387 -39.77 5.47 -5.92
N GLY A 388 -39.63 5.56 -4.61
CA GLY A 388 -38.63 4.81 -3.87
C GLY A 388 -38.86 3.32 -3.77
N GLY A 389 -40.09 2.87 -4.04
CA GLY A 389 -40.40 1.45 -3.96
C GLY A 389 -40.01 0.64 -5.18
N SER A 390 -39.57 1.30 -6.26
CA SER A 390 -39.25 0.58 -7.49
C SER A 390 -37.95 -0.21 -7.30
N TYR A 391 -38.05 -1.53 -7.48
CA TYR A 391 -36.91 -2.40 -7.24
C TYR A 391 -35.83 -2.16 -8.30
N ARG A 392 -34.57 -2.14 -7.86
CA ARG A 392 -33.45 -1.96 -8.76
C ARG A 392 -32.50 -3.13 -8.68
N SER A 393 -32.07 -3.62 -9.85
CA SER A 393 -31.20 -4.76 -9.96
C SER A 393 -29.98 -4.32 -10.77
N ILE A 394 -28.96 -5.18 -10.80
CA ILE A 394 -27.80 -4.87 -11.63
C ILE A 394 -27.48 -6.06 -12.51
N ILE A 395 -27.34 -5.77 -13.80
N ILE A 395 -27.35 -5.76 -13.81
CA ILE A 395 -27.10 -6.78 -14.82
CA ILE A 395 -27.08 -6.76 -14.84
C ILE A 395 -25.60 -6.88 -15.08
C ILE A 395 -25.59 -6.87 -15.07
N TRP A 396 -25.10 -8.10 -15.27
CA TRP A 396 -23.70 -8.35 -15.70
C TRP A 396 -23.72 -8.76 -17.16
N ARG A 397 -22.84 -8.13 -17.94
CA ARG A 397 -22.69 -8.42 -19.35
C ARG A 397 -21.24 -8.70 -19.69
N ARG A 398 -21.02 -9.67 -20.57
CA ARG A 398 -19.73 -9.85 -21.25
C ARG A 398 -19.97 -9.77 -22.74
N PHE A 399 -19.09 -9.04 -23.43
CA PHE A 399 -19.15 -9.04 -24.89
C PHE A 399 -17.78 -8.78 -25.45
N ASN A 400 -17.52 -9.34 -26.63
CA ASN A 400 -16.25 -9.03 -27.29
C ASN A 400 -16.33 -7.78 -28.13
N LEU A 401 -15.17 -7.30 -28.57
CA LEU A 401 -15.14 -6.12 -29.44
C LEU A 401 -15.94 -6.37 -30.72
N SER A 402 -15.88 -7.59 -31.23
CA SER A 402 -16.66 -7.97 -32.42
C SER A 402 -18.15 -7.67 -32.27
N TRP A 403 -18.70 -7.94 -31.08
CA TRP A 403 -20.10 -7.68 -30.86
C TRP A 403 -20.41 -6.20 -31.06
N ILE A 404 -19.55 -5.33 -30.55
CA ILE A 404 -19.75 -3.88 -30.70
C ILE A 404 -19.63 -3.53 -32.18
N LEU A 405 -18.57 -4.00 -32.80
CA LEU A 405 -18.20 -3.57 -34.15
C LEU A 405 -19.18 -4.06 -35.20
N ASN A 406 -19.86 -5.17 -34.91
CA ASN A 406 -20.77 -5.77 -35.87
C ASN A 406 -22.22 -5.37 -35.57
N GLY A 407 -22.40 -4.33 -34.76
CA GLY A 407 -23.74 -3.81 -34.48
C GLY A 407 -24.37 -3.13 -35.70
N PRO A 408 -25.70 -3.12 -35.78
CA PRO A 408 -26.39 -2.76 -37.01
C PRO A 408 -26.19 -1.33 -37.47
N ASN A 409 -25.88 -0.41 -36.56
CA ASN A 409 -25.74 0.98 -36.95
C ASN A 409 -24.31 1.47 -36.88
N ASN A 410 -23.37 0.54 -36.72
CA ASN A 410 -21.98 0.88 -36.53
C ASN A 410 -21.23 0.78 -37.85
N VAL B 25 5.78 3.09 37.37
CA VAL B 25 6.23 1.67 37.42
C VAL B 25 7.57 1.54 38.17
N ASN B 26 7.54 0.82 39.30
CA ASN B 26 8.78 0.42 40.00
C ASN B 26 9.61 -0.38 39.01
N ASP B 27 10.88 0.02 38.82
CA ASP B 27 11.80 -0.74 37.96
C ASP B 27 13.12 -0.98 38.69
N PRO B 28 13.38 -2.22 39.09
CA PRO B 28 14.58 -2.53 39.87
C PRO B 28 15.88 -2.31 39.11
N ALA B 29 15.81 -2.26 37.78
CA ALA B 29 17.03 -2.05 37.00
C ALA B 29 17.67 -0.69 37.28
N LYS B 30 16.87 0.25 37.74
CA LYS B 30 17.39 1.57 38.09
C LYS B 30 18.42 1.55 39.23
N ASP B 31 18.37 0.51 40.06
CA ASP B 31 19.30 0.38 41.20
C ASP B 31 20.72 -0.01 40.84
N ALA B 32 20.94 -0.49 39.63
CA ALA B 32 22.29 -0.75 39.18
C ALA B 32 23.01 0.56 38.89
N THR B 33 24.32 0.55 39.10
CA THR B 33 25.14 1.68 38.71
C THR B 33 24.98 1.85 37.19
N PRO B 34 24.72 3.08 36.73
CA PRO B 34 24.61 3.26 35.26
C PRO B 34 25.89 2.83 34.58
N TYR B 35 25.73 2.21 33.39
CA TYR B 35 26.86 1.74 32.61
C TYR B 35 26.66 2.15 31.17
N HIS B 36 27.72 2.67 30.56
CA HIS B 36 27.69 2.95 29.13
C HIS B 36 29.11 2.95 28.60
N VAL B 37 29.29 2.33 27.43
CA VAL B 37 30.51 2.46 26.64
C VAL B 37 30.09 2.73 25.21
N GLU B 38 30.95 3.43 24.48
CA GLU B 38 30.63 3.80 23.11
C GLU B 38 31.91 4.04 22.32
N PHE B 39 31.96 3.51 21.10
CA PHE B 39 33.11 3.73 20.22
C PHE B 39 32.75 3.40 18.79
N PRO B 40 33.45 3.99 17.82
CA PRO B 40 33.19 3.66 16.42
C PRO B 40 33.58 2.22 16.10
N LEU B 41 32.70 1.49 15.41
CA LEU B 41 32.96 0.11 15.05
C LEU B 41 33.15 -0.09 13.55
N PHE B 42 32.48 0.72 12.74
CA PHE B 42 32.70 0.72 11.30
C PHE B 42 33.22 2.13 10.95
N ARG B 43 34.49 2.16 10.58
CA ARG B 43 35.27 3.39 10.45
C ARG B 43 35.46 3.70 8.98
N SER B 44 34.93 4.85 8.58
CA SER B 44 34.96 5.31 7.21
C SER B 44 36.40 5.62 6.74
N ALA B 45 36.54 5.80 5.44
CA ALA B 45 37.86 5.87 4.79
C ALA B 45 38.73 7.01 5.30
N ASN B 46 38.09 8.05 5.79
CA ASN B 46 38.77 9.21 6.36
C ASN B 46 39.35 9.01 7.74
N MET B 47 39.01 7.91 8.42
CA MET B 47 39.42 7.69 9.80
C MET B 47 40.73 6.91 9.88
N ALA B 48 41.46 7.11 10.96
CA ALA B 48 42.80 6.51 11.12
C ALA B 48 42.82 4.99 10.92
N SER B 49 41.85 4.30 11.52
CA SER B 49 41.80 2.84 11.39
C SER B 49 40.66 2.40 10.49
N ALA B 50 40.47 3.12 9.39
CA ALA B 50 39.46 2.81 8.36
C ALA B 50 39.37 1.32 8.14
N ASP B 51 38.16 0.80 8.17
CA ASP B 51 37.95 -0.61 8.01
C ASP B 51 38.02 -1.02 6.53
N LYS B 52 38.85 -2.01 6.27
CA LYS B 52 38.99 -2.65 4.97
C LYS B 52 38.91 -4.13 5.13
N LEU B 53 38.59 -4.82 4.03
CA LEU B 53 38.61 -6.28 4.00
C LEU B 53 40.05 -6.76 3.92
N SER B 54 40.23 -8.03 4.21
CA SER B 54 41.56 -8.61 4.21
C SER B 54 42.17 -8.59 2.80
N THR B 55 41.33 -8.50 1.78
CA THR B 55 41.76 -8.40 0.38
C THR B 55 42.39 -7.06 0.02
N GLY B 56 42.18 -6.05 0.85
CA GLY B 56 42.60 -4.68 0.56
C GLY B 56 41.46 -3.76 0.15
N VAL B 57 40.27 -4.33 -0.07
CA VAL B 57 39.15 -3.51 -0.52
C VAL B 57 38.64 -2.65 0.64
N GLY B 58 38.60 -1.34 0.44
CA GLY B 58 38.10 -0.38 1.40
C GLY B 58 36.76 0.23 1.01
N PHE B 59 36.25 1.07 1.90
CA PHE B 59 34.94 1.66 1.77
C PHE B 59 34.95 3.11 2.21
N HIS B 60 34.38 3.95 1.35
CA HIS B 60 34.18 5.35 1.68
C HIS B 60 33.39 5.47 2.97
N SER B 61 32.26 4.78 3.00
CA SER B 61 31.29 4.92 4.05
C SER B 61 30.65 3.59 4.46
N PHE B 62 30.17 3.54 5.69
CA PHE B 62 29.36 2.43 6.18
C PHE B 62 28.04 2.99 6.65
N ARG B 63 26.96 2.39 6.18
CA ARG B 63 25.59 2.80 6.57
C ARG B 63 24.75 1.57 6.78
N ILE B 64 23.58 1.77 7.39
CA ILE B 64 22.50 0.75 7.40
C ILE B 64 22.90 -0.43 8.28
N PRO B 65 23.02 -0.17 9.60
CA PRO B 65 23.44 -1.18 10.55
C PRO B 65 22.41 -2.23 10.89
N ALA B 66 22.89 -3.41 11.30
CA ALA B 66 22.02 -4.47 11.81
C ALA B 66 22.86 -5.25 12.80
N VAL B 67 22.31 -5.53 13.98
CA VAL B 67 23.06 -6.26 14.99
C VAL B 67 22.19 -7.32 15.64
N VAL B 68 22.77 -8.51 15.85
CA VAL B 68 22.15 -9.57 16.61
C VAL B 68 23.14 -10.26 17.51
N ARG B 69 22.68 -10.61 18.71
CA ARG B 69 23.39 -11.52 19.60
C ARG B 69 22.92 -12.93 19.23
N THR B 70 23.87 -13.85 19.02
CA THR B 70 23.52 -15.23 18.65
C THR B 70 23.28 -16.04 19.90
N THR B 71 22.80 -17.29 19.74
CA THR B 71 22.56 -18.10 20.93
C THR B 71 23.83 -18.47 21.67
N THR B 72 25.01 -18.28 21.09
CA THR B 72 26.26 -18.55 21.82
C THR B 72 26.68 -17.39 22.68
N GLY B 73 26.11 -16.21 22.41
CA GLY B 73 26.55 -14.96 23.04
C GLY B 73 27.45 -14.11 22.14
N ARG B 74 27.92 -14.69 21.04
CA ARG B 74 28.66 -13.91 20.06
C ARG B 74 27.73 -12.82 19.50
N ILE B 75 28.29 -11.67 19.15
CA ILE B 75 27.55 -10.61 18.50
CA ILE B 75 27.54 -10.60 18.50
C ILE B 75 27.99 -10.47 17.06
N LEU B 76 27.01 -10.32 16.16
CA LEU B 76 27.24 -10.13 14.72
C LEU B 76 26.68 -8.76 14.36
N ALA B 77 27.56 -7.92 13.82
CA ALA B 77 27.22 -6.58 13.36
C ALA B 77 27.37 -6.52 11.88
N PHE B 78 26.31 -6.09 11.19
CA PHE B 78 26.31 -6.00 9.74
C PHE B 78 26.14 -4.54 9.30
N ALA B 79 26.57 -4.27 8.09
CA ALA B 79 26.39 -2.94 7.50
C ALA B 79 26.52 -3.00 5.99
N GLU B 80 26.06 -1.94 5.34
CA GLU B 80 26.38 -1.70 3.96
C GLU B 80 27.74 -1.01 3.87
N GLY B 81 28.64 -1.65 3.13
CA GLY B 81 29.92 -1.05 2.78
C GLY B 81 29.75 -0.33 1.46
N ARG B 82 29.67 0.98 1.54
CA ARG B 82 29.39 1.80 0.39
C ARG B 82 30.76 2.23 -0.16
N ARG B 83 31.12 1.63 -1.28
CA ARG B 83 32.50 1.64 -1.74
C ARG B 83 33.05 3.01 -2.08
N HIS B 84 32.32 3.78 -2.87
CA HIS B 84 32.87 5.01 -3.49
C HIS B 84 32.35 6.31 -2.91
N ASP B 85 31.18 6.29 -2.29
CA ASP B 85 30.56 7.47 -1.74
C ASP B 85 29.45 6.99 -0.80
N ASN B 86 28.71 7.91 -0.22
CA ASN B 86 27.70 7.56 0.80
C ASN B 86 26.31 7.25 0.26
N ARG B 87 26.12 7.24 -1.05
CA ARG B 87 24.78 7.17 -1.64
C ARG B 87 24.21 5.75 -1.59
N ASP B 88 22.87 5.67 -1.71
CA ASP B 88 22.13 4.43 -1.54
C ASP B 88 22.24 3.40 -2.66
N PHE B 89 22.85 3.80 -3.78
CA PHE B 89 22.90 2.99 -4.98
C PHE B 89 24.36 2.90 -5.41
N GLY B 90 24.58 2.14 -6.47
CA GLY B 90 25.92 1.89 -6.97
C GLY B 90 26.53 0.67 -6.29
N ASP B 91 27.87 0.67 -6.21
CA ASP B 91 28.62 -0.48 -5.75
C ASP B 91 28.68 -0.53 -4.23
N ILE B 92 27.87 -1.42 -3.66
CA ILE B 92 27.66 -1.52 -2.21
C ILE B 92 27.69 -3.01 -1.87
N ASN B 93 28.57 -3.36 -0.91
CA ASN B 93 28.73 -4.73 -0.46
C ASN B 93 28.14 -4.88 0.96
N LEU B 94 27.77 -6.10 1.31
CA LEU B 94 27.23 -6.38 2.64
C LEU B 94 28.39 -6.88 3.48
N VAL B 95 28.80 -6.08 4.47
CA VAL B 95 29.95 -6.37 5.30
C VAL B 95 29.55 -6.64 6.74
N TYR B 96 30.48 -7.18 7.52
CA TYR B 96 30.16 -7.50 8.92
C TYR B 96 31.38 -7.66 9.77
N LYS B 97 31.14 -7.63 11.08
CA LYS B 97 32.13 -8.00 12.08
C LYS B 97 31.47 -8.90 13.09
N ARG B 98 32.24 -9.81 13.66
CA ARG B 98 31.78 -10.56 14.81
C ARG B 98 32.64 -10.22 16.01
N THR B 99 32.12 -10.43 17.20
CA THR B 99 33.01 -10.43 18.36
C THR B 99 33.95 -11.61 18.27
N LYS B 100 35.16 -11.44 18.84
CA LYS B 100 36.19 -12.47 18.74
C LYS B 100 35.83 -13.74 19.45
N THR B 101 35.10 -13.60 20.55
CA THR B 101 34.65 -14.73 21.34
C THR B 101 33.16 -14.68 21.51
N THR B 102 32.63 -15.74 22.14
CA THR B 102 31.21 -15.81 22.45
C THR B 102 30.83 -15.15 23.78
N SER B 103 31.82 -14.66 24.55
CA SER B 103 31.56 -14.19 25.91
C SER B 103 32.19 -12.84 26.25
N ASP B 104 32.64 -12.10 25.25
CA ASP B 104 33.20 -10.77 25.47
C ASP B 104 32.17 -9.65 25.36
N ASN B 105 31.02 -9.94 24.75
CA ASN B 105 29.92 -8.99 24.66
C ASN B 105 30.27 -7.70 23.92
N GLY B 106 31.32 -7.75 23.09
CA GLY B 106 31.75 -6.57 22.36
C GLY B 106 32.09 -5.39 23.22
N ALA B 107 32.64 -5.63 24.41
CA ALA B 107 32.80 -4.57 25.42
C ALA B 107 33.83 -3.49 25.06
N THR B 108 34.86 -3.89 24.32
CA THR B 108 35.93 -2.97 23.91
C THR B 108 36.20 -3.19 22.44
N LEU B 109 36.88 -2.22 21.83
CA LEU B 109 37.23 -2.33 20.44
C LEU B 109 38.04 -3.59 20.12
N SER B 110 38.95 -3.97 21.04
CA SER B 110 39.76 -5.15 20.88
C SER B 110 38.99 -6.46 20.94
N ASP B 111 37.70 -6.40 21.31
CA ASP B 111 36.86 -7.59 21.28
C ASP B 111 36.20 -7.86 19.95
N TRP B 112 36.48 -7.05 18.94
CA TRP B 112 35.84 -7.21 17.64
C TRP B 112 36.82 -7.67 16.60
N GLU B 113 36.40 -8.67 15.81
CA GLU B 113 37.19 -9.15 14.66
C GLU B 113 37.30 -8.05 13.62
N SER B 114 38.24 -8.23 12.70
CA SER B 114 38.35 -7.32 11.58
C SER B 114 37.19 -7.53 10.58
N LEU B 115 37.02 -6.52 9.73
CA LEU B 115 35.93 -6.50 8.78
C LEU B 115 35.95 -7.69 7.85
N ARG B 116 34.77 -8.28 7.63
CA ARG B 116 34.54 -9.35 6.68
C ARG B 116 33.39 -8.99 5.74
N GLU B 117 33.17 -9.83 4.73
CA GLU B 117 32.12 -9.59 3.75
C GLU B 117 31.19 -10.77 3.68
N VAL B 118 29.89 -10.51 3.70
CA VAL B 118 28.90 -11.54 3.46
C VAL B 118 28.77 -11.76 1.96
N VAL B 119 28.58 -10.67 1.23
CA VAL B 119 28.45 -10.74 -0.23
C VAL B 119 28.84 -9.41 -0.84
N GLY B 120 29.55 -9.47 -1.97
CA GLY B 120 29.94 -8.27 -2.67
C GLY B 120 30.15 -8.52 -4.15
N SER B 121 29.38 -9.45 -4.69
CA SER B 121 29.51 -9.81 -6.10
C SER B 121 28.92 -8.73 -6.99
N GLY B 122 29.53 -8.57 -8.17
CA GLY B 122 29.08 -7.58 -9.13
C GLY B 122 29.32 -6.16 -8.68
N ASP B 123 28.80 -5.22 -9.48
CA ASP B 123 28.94 -3.80 -9.18
C ASP B 123 27.61 -3.19 -8.68
N GLY B 124 26.69 -4.07 -8.28
CA GLY B 124 25.39 -3.65 -7.79
C GLY B 124 25.33 -3.40 -6.31
N THR B 125 24.10 -3.22 -5.84
CA THR B 125 23.82 -2.84 -4.46
C THR B 125 23.34 -4.04 -3.69
N TRP B 126 24.11 -4.45 -2.68
CA TRP B 126 23.70 -5.45 -1.70
C TRP B 126 23.51 -4.71 -0.40
N GLY B 127 22.29 -4.75 0.15
CA GLY B 127 22.04 -3.97 1.33
C GLY B 127 20.83 -4.39 2.14
N ASN B 128 20.36 -3.46 2.94
CA ASN B 128 19.23 -3.68 3.88
C ASN B 128 19.39 -4.94 4.74
N PRO B 129 20.54 -5.07 5.43
CA PRO B 129 20.67 -6.25 6.28
C PRO B 129 19.57 -6.38 7.33
N THR B 130 18.94 -7.56 7.36
CA THR B 130 17.83 -7.85 8.26
C THR B 130 17.99 -9.28 8.76
N PRO B 131 18.84 -9.45 9.80
CA PRO B 131 19.08 -10.78 10.35
C PRO B 131 18.02 -11.18 11.37
N VAL B 132 17.82 -12.50 11.49
CA VAL B 132 17.06 -13.09 12.56
C VAL B 132 17.75 -14.36 12.99
N VAL B 133 17.88 -14.52 14.31
CA VAL B 133 18.53 -15.70 14.90
C VAL B 133 17.47 -16.78 15.21
N ASP B 134 17.74 -18.00 14.77
CA ASP B 134 16.87 -19.16 14.96
C ASP B 134 17.67 -20.38 15.44
N1 SNN B 135 20.65 -22.27 16.24
C SNN B 135 20.16 -21.20 16.81
CA SNN B 135 18.79 -21.51 17.39
N SNN B 135 17.80 -20.54 16.95
C4 SNN B 135 18.54 -22.94 16.87
C5 SNN B 135 19.79 -23.28 16.14
O SNN B 135 20.67 -20.08 16.79
O5 SNN B 135 20.01 -24.32 15.52
CA GLY B 136 21.91 -22.42 15.52
C GLY B 136 22.05 -21.88 14.14
N THR B 137 21.03 -21.17 13.65
CA THR B 137 21.04 -20.64 12.30
C THR B 137 20.79 -19.13 12.39
N ILE B 138 21.58 -18.38 11.66
CA ILE B 138 21.27 -16.96 11.45
C ILE B 138 20.82 -16.78 10.01
N TYR B 139 19.59 -16.30 9.85
CA TYR B 139 19.06 -15.96 8.58
C TYR B 139 19.26 -14.48 8.29
N LEU B 140 19.93 -14.15 7.20
CA LEU B 140 20.14 -12.75 6.85
C LEU B 140 19.41 -12.43 5.58
N PHE B 141 18.29 -11.72 5.71
CA PHE B 141 17.60 -11.19 4.51
C PHE B 141 18.23 -9.89 4.04
N LEU B 142 18.24 -9.71 2.72
CA LEU B 142 18.92 -8.60 2.05
C LEU B 142 18.09 -8.09 0.89
N SER B 143 18.28 -6.82 0.55
CA SER B 143 17.77 -6.28 -0.69
C SER B 143 18.90 -6.16 -1.70
N TRP B 144 18.53 -6.20 -2.96
CA TRP B 144 19.54 -6.04 -4.05
C TRP B 144 18.94 -5.24 -5.19
N ASN B 145 19.79 -4.44 -5.83
CA ASN B 145 19.45 -3.90 -7.15
C ASN B 145 20.65 -3.92 -8.07
N ASN B 146 20.35 -3.99 -9.36
CA ASN B 146 21.35 -3.84 -10.41
C ASN B 146 22.09 -2.52 -10.26
N GLY B 147 23.39 -2.52 -10.53
CA GLY B 147 24.22 -1.34 -10.34
C GLY B 147 23.93 -0.18 -11.29
N SER B 148 23.15 -0.44 -12.34
CA SER B 148 22.75 0.61 -13.28
C SER B 148 21.46 1.31 -12.91
N TYR B 149 20.83 0.89 -11.81
CA TYR B 149 19.53 1.43 -11.41
C TYR B 149 19.61 2.09 -10.04
N SER B 150 18.78 3.10 -9.83
CA SER B 150 18.62 3.72 -8.51
C SER B 150 17.15 4.01 -8.26
N GLN B 151 16.83 4.29 -7.01
CA GLN B 151 15.44 4.46 -6.60
C GLN B 151 14.77 5.58 -7.39
N LYS B 152 15.48 6.69 -7.59
CA LYS B 152 14.91 7.84 -8.33
C LYS B 152 15.21 7.80 -9.82
N GLY B 153 16.30 7.15 -10.19
CA GLY B 153 16.85 7.24 -11.53
C GLY B 153 17.52 8.58 -11.76
N GLY B 154 18.36 8.65 -12.79
CA GLY B 154 19.00 9.91 -13.18
C GLY B 154 20.19 10.31 -12.33
N ASP B 155 20.71 9.38 -11.52
CA ASP B 155 21.85 9.67 -10.67
C ASP B 155 23.12 9.34 -11.42
N GLU B 156 24.16 10.13 -11.20
CA GLU B 156 25.43 9.88 -11.86
C GLU B 156 26.35 9.00 -11.01
N LEU B 157 26.77 7.88 -11.58
CA LEU B 157 27.71 6.98 -10.91
C LEU B 157 29.13 7.48 -11.07
N PRO B 158 30.07 6.96 -10.25
CA PRO B 158 31.47 7.37 -10.36
C PRO B 158 32.05 7.28 -11.77
N ASP B 159 31.73 6.23 -12.52
CA ASP B 159 32.23 6.08 -13.88
C ASP B 159 31.47 6.91 -14.93
N GLY B 160 30.63 7.84 -14.49
CA GLY B 160 29.89 8.71 -15.41
C GLY B 160 28.51 8.26 -15.83
N THR B 161 28.24 6.96 -15.74
CA THR B 161 26.92 6.42 -16.13
C THR B 161 25.80 7.07 -15.35
N ILE B 162 24.66 7.29 -16.03
CA ILE B 162 23.46 7.82 -15.41
C ILE B 162 22.53 6.64 -15.13
N THR B 163 22.05 6.52 -13.89
CA THR B 163 21.19 5.39 -13.56
C THR B 163 19.81 5.47 -14.20
N LYS B 164 19.24 4.29 -14.46
CA LYS B 164 17.81 4.16 -14.80
C LYS B 164 17.02 4.06 -13.50
N LYS B 165 15.77 4.50 -13.52
CA LYS B 165 14.90 4.36 -12.35
C LYS B 165 14.52 2.89 -12.11
N ILE B 166 14.58 2.43 -10.85
CA ILE B 166 14.05 1.11 -10.48
C ILE B 166 12.63 0.95 -11.08
N ASP B 167 12.37 -0.18 -11.72
CA ASP B 167 11.09 -0.42 -12.35
C ASP B 167 10.56 -1.82 -12.04
N THR B 168 9.51 -2.27 -12.75
CA THR B 168 8.87 -3.54 -12.46
C THR B 168 9.44 -4.72 -13.23
N THR B 169 10.44 -4.49 -14.07
CA THR B 169 11.04 -5.58 -14.82
C THR B 169 11.90 -6.42 -13.89
N TRP B 170 12.08 -7.69 -14.24
CA TRP B 170 12.94 -8.58 -13.45
C TRP B 170 14.32 -7.97 -13.25
N TYR B 171 14.87 -7.38 -14.32
CA TYR B 171 16.23 -6.90 -14.23
C TYR B 171 16.35 -5.55 -13.54
N GLY B 172 15.30 -4.71 -13.56
CA GLY B 172 15.35 -3.38 -13.01
C GLY B 172 14.60 -3.21 -11.69
N ARG B 173 14.08 -4.29 -11.15
CA ARG B 173 13.36 -4.18 -9.85
C ARG B 173 14.29 -4.48 -8.69
N ARG B 174 13.82 -4.17 -7.48
CA ARG B 174 14.53 -4.56 -6.27
C ARG B 174 14.22 -6.01 -5.94
N HIS B 175 15.28 -6.77 -5.67
CA HIS B 175 15.19 -8.18 -5.35
C HIS B 175 15.32 -8.39 -3.84
N LEU B 176 14.90 -9.56 -3.41
CA LEU B 176 14.96 -10.01 -2.03
C LEU B 176 15.79 -11.26 -1.98
N TYR B 177 16.84 -11.26 -1.17
CA TYR B 177 17.75 -12.38 -1.09
C TYR B 177 17.87 -12.89 0.35
N LEU B 178 18.21 -14.16 0.48
CA LEU B 178 18.49 -14.78 1.76
C LEU B 178 19.82 -15.48 1.74
N THR B 179 20.65 -15.19 2.73
CA THR B 179 21.88 -15.91 3.00
C THR B 179 21.83 -16.40 4.43
N THR B 180 22.41 -17.59 4.68
CA THR B 180 22.30 -18.20 6.00
CA THR B 180 22.26 -18.29 5.97
C THR B 180 23.66 -18.60 6.52
N SER B 181 23.82 -18.51 7.85
CA SER B 181 25.03 -19.01 8.52
C SER B 181 24.63 -20.05 9.56
N THR B 182 25.33 -21.18 9.59
CA THR B 182 25.10 -22.20 10.57
C THR B 182 26.33 -22.41 11.47
N ASP B 183 27.28 -21.50 11.36
CA ASP B 183 28.53 -21.57 12.12
C ASP B 183 28.82 -20.23 12.85
N ASP B 184 27.76 -19.68 13.44
CA ASP B 184 27.86 -18.51 14.30
C ASP B 184 28.40 -17.31 13.56
N GLY B 185 28.02 -17.21 12.27
CA GLY B 185 28.42 -16.09 11.45
C GLY B 185 29.78 -16.20 10.77
N ASN B 186 30.47 -17.32 10.93
CA ASN B 186 31.81 -17.43 10.37
C ASN B 186 31.77 -17.47 8.85
N THR B 187 30.81 -18.21 8.31
CA THR B 187 30.64 -18.28 6.87
C THR B 187 29.16 -18.17 6.51
N TRP B 188 28.92 -17.78 5.26
CA TRP B 188 27.59 -17.46 4.75
C TRP B 188 27.30 -18.17 3.44
N SER B 189 26.09 -18.70 3.29
CA SER B 189 25.72 -19.37 2.02
C SER B 189 25.64 -18.35 0.90
N LYS B 190 25.78 -18.85 -0.33
CA LYS B 190 25.60 -17.99 -1.49
C LYS B 190 24.17 -17.45 -1.45
N PRO B 191 24.00 -16.13 -1.48
CA PRO B 191 22.64 -15.59 -1.36
C PRO B 191 21.69 -16.14 -2.41
N GLN B 192 20.50 -16.49 -1.97
CA GLN B 192 19.48 -17.10 -2.79
C GLN B 192 18.43 -16.03 -3.07
N ASP B 193 18.05 -15.90 -4.35
CA ASP B 193 17.04 -14.92 -4.75
C ASP B 193 15.66 -15.46 -4.49
N LEU B 194 14.95 -14.86 -3.53
CA LEU B 194 13.60 -15.28 -3.18
C LEU B 194 12.53 -14.26 -3.58
N THR B 195 12.88 -13.38 -4.50
CA THR B 195 11.97 -12.33 -4.94
C THR B 195 10.64 -12.90 -5.44
N LYS B 196 10.68 -13.95 -6.27
CA LYS B 196 9.39 -14.46 -6.81
C LYS B 196 8.52 -15.10 -5.74
N GLU B 197 9.14 -15.66 -4.71
CA GLU B 197 8.42 -16.27 -3.60
C GLU B 197 7.92 -15.24 -2.56
N LEU B 198 8.73 -14.21 -2.28
CA LEU B 198 8.49 -13.41 -1.07
C LEU B 198 8.30 -11.92 -1.34
N THR B 199 8.25 -11.54 -2.61
CA THR B 199 7.91 -10.19 -2.99
C THR B 199 6.74 -10.25 -3.97
N PRO B 200 5.73 -9.41 -3.74
CA PRO B 200 4.62 -9.43 -4.68
C PRO B 200 5.02 -9.13 -6.10
N ASP B 201 4.41 -9.87 -7.02
CA ASP B 201 4.55 -9.56 -8.44
C ASP B 201 4.11 -8.12 -8.72
N GLY B 202 4.82 -7.51 -9.66
CA GLY B 202 4.52 -6.16 -10.09
C GLY B 202 5.11 -5.04 -9.25
N TRP B 203 5.86 -5.39 -8.21
CA TRP B 203 6.53 -4.37 -7.44
C TRP B 203 7.81 -3.90 -8.13
N SER B 204 8.19 -2.67 -7.84
CA SER B 204 9.43 -2.09 -8.37
C SER B 204 10.37 -1.91 -7.22
N TRP B 205 10.22 -0.80 -6.49
CA TRP B 205 10.98 -0.62 -5.26
C TRP B 205 10.56 -1.69 -4.22
N ASP B 206 11.52 -2.06 -3.38
CA ASP B 206 11.28 -2.94 -2.26
C ASP B 206 12.37 -2.70 -1.23
N ALA B 207 12.09 -3.12 0.00
CA ALA B 207 13.06 -3.09 1.09
C ALA B 207 12.69 -4.19 2.06
N VAL B 208 13.71 -4.76 2.71
CA VAL B 208 13.53 -5.61 3.86
C VAL B 208 14.21 -4.90 5.04
N GLY B 209 13.59 -4.97 6.22
CA GLY B 209 14.08 -4.19 7.35
C GLY B 209 14.37 -2.76 6.94
N PRO B 210 15.56 -2.23 7.20
CA PRO B 210 16.70 -2.93 7.75
C PRO B 210 16.72 -2.93 9.28
N GLY B 211 17.44 -3.89 9.86
CA GLY B 211 17.64 -3.89 11.29
C GLY B 211 17.64 -5.30 11.80
N ASN B 212 16.44 -5.88 12.00
CA ASN B 212 16.36 -7.25 12.52
C ASN B 212 14.96 -7.81 12.38
N GLY B 213 14.92 -9.14 12.32
CA GLY B 213 13.70 -9.91 12.51
C GLY B 213 13.71 -10.52 13.90
N ILE B 214 12.65 -11.26 14.18
CA ILE B 214 12.40 -11.78 15.53
C ILE B 214 11.92 -13.21 15.49
N LYS B 215 12.05 -13.88 16.62
CA LYS B 215 11.49 -15.21 16.83
C LYS B 215 10.46 -15.09 17.92
N LEU B 216 9.24 -15.55 17.62
CA LEU B 216 8.13 -15.43 18.55
C LEU B 216 8.26 -16.46 19.66
N SER B 217 7.64 -16.16 20.80
CA SER B 217 7.43 -17.13 21.85
C SER B 217 6.84 -18.45 21.35
N SER B 218 5.99 -18.38 20.33
CA SER B 218 5.36 -19.54 19.71
C SER B 218 6.19 -20.24 18.63
N GLY B 219 7.37 -19.69 18.32
CA GLY B 219 8.33 -20.36 17.44
C GLY B 219 8.53 -19.81 16.07
N GLU B 220 7.58 -19.04 15.55
CA GLU B 220 7.70 -18.52 14.18
C GLU B 220 8.75 -17.41 14.11
N LEU B 221 9.34 -17.27 12.94
CA LEU B 221 10.22 -16.15 12.64
C LEU B 221 9.42 -15.10 11.90
N VAL B 222 9.65 -13.84 12.24
CA VAL B 222 8.93 -12.75 11.60
C VAL B 222 9.96 -11.69 11.22
N VAL B 223 10.01 -11.37 9.93
CA VAL B 223 11.02 -10.44 9.40
C VAL B 223 10.23 -9.30 8.77
N PRO B 224 10.43 -8.08 9.25
CA PRO B 224 9.69 -6.93 8.71
C PRO B 224 10.25 -6.53 7.35
N ALA B 225 9.34 -6.20 6.42
CA ALA B 225 9.70 -5.76 5.09
C ALA B 225 8.69 -4.73 4.62
N MET B 226 8.96 -4.16 3.46
CA MET B 226 8.06 -3.15 2.89
C MET B 226 6.68 -3.75 2.67
N GLY B 227 5.67 -3.16 3.28
CA GLY B 227 4.30 -3.56 3.05
C GLY B 227 3.90 -4.95 3.54
N ARG B 228 4.75 -5.62 4.35
CA ARG B 228 4.52 -7.01 4.63
C ARG B 228 5.47 -7.52 5.71
N ASN B 229 5.08 -8.63 6.34
CA ASN B 229 5.99 -9.45 7.10
C ASN B 229 6.38 -10.65 6.27
N ILE B 230 7.63 -11.06 6.43
CA ILE B 230 8.10 -12.31 5.86
C ILE B 230 8.12 -13.27 7.04
N VAL B 231 7.42 -14.40 6.90
CA VAL B 231 7.14 -15.25 8.02
C VAL B 231 7.71 -16.64 7.82
N GLY B 232 8.51 -17.09 8.77
CA GLY B 232 9.16 -18.40 8.74
C GLY B 232 8.49 -19.34 9.72
N ARG B 233 7.67 -20.25 9.18
CA ARG B 233 7.01 -21.25 9.99
C ARG B 233 7.85 -22.52 10.00
N GLY B 234 7.38 -23.55 10.68
CA GLY B 234 8.15 -24.79 10.83
C GLY B 234 8.92 -24.76 12.12
N THR B 235 10.14 -25.28 12.09
CA THR B 235 10.98 -25.39 13.28
C THR B 235 12.43 -25.09 12.91
N PRO B 236 13.32 -24.93 13.90
CA PRO B 236 14.72 -24.76 13.57
C PRO B 236 15.22 -25.92 12.71
N GLY B 237 15.95 -25.60 11.66
CA GLY B 237 16.40 -26.59 10.70
C GLY B 237 15.40 -26.96 9.62
N GLN B 238 14.18 -26.41 9.69
CA GLN B 238 13.16 -26.73 8.72
C GLN B 238 12.12 -25.61 8.69
N ARG B 239 12.56 -24.49 8.15
CA ARG B 239 11.73 -23.29 8.04
C ARG B 239 11.10 -23.21 6.66
N THR B 240 9.85 -22.73 6.63
CA THR B 240 9.14 -22.47 5.40
C THR B 240 8.73 -20.99 5.42
N TRP B 241 8.98 -20.31 4.32
CA TRP B 241 8.75 -18.86 4.25
C TRP B 241 7.54 -18.49 3.42
N SER B 242 6.82 -17.48 3.91
CA SER B 242 5.67 -16.93 3.17
C SER B 242 5.49 -15.47 3.53
N VAL B 243 4.51 -14.82 2.91
CA VAL B 243 4.28 -13.39 3.06
C VAL B 243 2.97 -13.13 3.79
N GLN B 244 3.00 -12.23 4.77
CA GLN B 244 1.80 -11.66 5.33
C GLN B 244 1.72 -10.19 4.87
N ARG B 245 0.83 -9.89 3.93
CA ARG B 245 0.77 -8.52 3.39
C ARG B 245 0.06 -7.63 4.42
N LEU B 246 0.54 -6.39 4.56
CA LEU B 246 0.05 -5.44 5.56
C LEU B 246 -0.29 -4.12 4.88
N ASN B 247 -1.57 -3.83 4.66
CA ASN B 247 -1.92 -2.58 4.00
C ASN B 247 -1.44 -1.37 4.83
N GLY B 248 -0.78 -0.46 4.14
CA GLY B 248 -0.34 0.80 4.75
C GLY B 248 0.91 0.72 5.61
N ALA B 249 1.57 -0.42 5.63
CA ALA B 249 2.87 -0.50 6.31
C ALA B 249 3.89 0.39 5.63
N GLY B 250 4.95 0.71 6.36
CA GLY B 250 6.06 1.44 5.79
C GLY B 250 6.91 0.59 4.86
N ALA B 251 7.87 1.26 4.24
CA ALA B 251 8.89 0.61 3.46
C ALA B 251 9.96 0.03 4.37
N GLU B 252 10.33 0.76 5.41
CA GLU B 252 11.30 0.33 6.41
C GLU B 252 10.60 0.12 7.74
N GLY B 253 10.34 -1.14 8.05
CA GLY B 253 9.60 -1.49 9.23
C GLY B 253 10.42 -2.13 10.33
N THR B 254 9.84 -2.11 11.53
CA THR B 254 10.38 -2.84 12.64
C THR B 254 9.23 -3.65 13.21
N VAL B 255 9.59 -4.75 13.86
CA VAL B 255 8.58 -5.61 14.46
C VAL B 255 9.08 -6.16 15.78
N CYS B 256 8.21 -6.29 16.77
N CYS B 256 8.13 -6.38 16.69
CA CYS B 256 8.52 -7.08 17.94
CA CYS B 256 8.39 -6.83 18.04
C CYS B 256 7.26 -7.68 18.50
C CYS B 256 7.21 -7.66 18.50
N GLU B 257 7.46 -8.62 19.41
CA GLU B 257 6.37 -9.23 20.16
C GLU B 257 6.27 -8.40 21.44
N THR B 258 5.09 -7.87 21.70
CA THR B 258 4.84 -7.11 22.90
C THR B 258 4.49 -8.03 24.06
N PRO B 259 4.48 -7.50 25.31
CA PRO B 259 4.23 -8.35 26.48
C PRO B 259 2.93 -9.13 26.45
N ASP B 260 1.92 -8.60 25.75
CA ASP B 260 0.64 -9.31 25.59
C ASP B 260 0.69 -10.47 24.61
N GLY B 261 1.85 -10.74 24.02
CA GLY B 261 2.02 -11.84 23.10
C GLY B 261 1.62 -11.53 21.64
N LYS B 262 1.22 -10.28 21.37
CA LYS B 262 0.80 -9.89 20.04
C LYS B 262 1.99 -9.26 19.32
N LEU B 263 1.82 -9.00 18.04
CA LEU B 263 2.86 -8.39 17.23
C LEU B 263 2.64 -6.90 17.13
N TYR B 264 3.76 -6.18 16.95
CA TYR B 264 3.78 -4.74 16.92
C TYR B 264 4.69 -4.32 15.79
N ARG B 265 4.13 -3.62 14.82
CA ARG B 265 4.91 -3.02 13.74
C ARG B 265 5.04 -1.52 14.04
N ASN B 266 6.28 -1.01 13.99
CA ASN B 266 6.57 0.39 14.25
C ASN B 266 7.48 0.82 13.10
N ASP B 267 6.90 1.52 12.14
CA ASP B 267 7.56 1.73 10.85
C ASP B 267 7.91 3.21 10.60
N ARG B 268 8.87 3.41 9.69
CA ARG B 268 9.21 4.74 9.21
C ARG B 268 8.07 5.29 8.37
N PRO B 269 7.62 6.52 8.65
CA PRO B 269 6.54 7.12 7.84
C PRO B 269 7.02 7.59 6.48
N SER B 270 6.09 7.75 5.55
CA SER B 270 6.44 8.18 4.20
C SER B 270 6.84 9.65 4.17
N LYS B 271 6.33 10.43 5.13
CA LYS B 271 6.73 11.82 5.29
C LYS B 271 7.05 12.08 6.75
N ALA B 272 7.94 13.04 6.98
CA ALA B 272 8.39 13.35 8.31
C ALA B 272 7.22 13.71 9.24
N GLY B 273 7.34 13.31 10.48
CA GLY B 273 6.38 13.63 11.50
C GLY B 273 6.47 12.69 12.69
N TYR B 274 5.93 11.49 12.49
CA TYR B 274 5.78 10.51 13.55
C TYR B 274 5.87 9.10 13.03
N ARG B 275 6.33 8.19 13.89
CA ARG B 275 6.30 6.77 13.53
C ARG B 275 4.85 6.38 13.22
N ILE B 276 4.69 5.32 12.45
CA ILE B 276 3.38 4.72 12.20
C ILE B 276 3.38 3.32 12.80
N VAL B 277 2.28 2.97 13.45
CA VAL B 277 2.20 1.75 14.25
C VAL B 277 0.96 0.93 13.88
N ALA B 278 1.12 -0.39 13.89
CA ALA B 278 -0.01 -1.32 13.75
C ALA B 278 0.26 -2.52 14.62
N ARG B 279 -0.82 -3.19 15.06
CA ARG B 279 -0.72 -4.36 15.92
C ARG B 279 -1.57 -5.50 15.37
N GLY B 280 -1.15 -6.70 15.66
CA GLY B 280 -1.86 -7.86 15.12
C GLY B 280 -1.24 -9.16 15.49
N THR B 281 -1.66 -10.20 14.75
CA THR B 281 -1.15 -11.54 14.93
C THR B 281 -0.94 -12.18 13.57
N LEU B 282 -0.17 -13.27 13.56
CA LEU B 282 0.05 -14.02 12.35
C LEU B 282 -1.27 -14.64 11.86
N SER B 283 -2.09 -15.12 12.80
CA SER B 283 -3.31 -15.82 12.40
C SER B 283 -4.46 -14.89 12.03
N ASP B 284 -4.55 -13.72 12.65
CA ASP B 284 -5.71 -12.86 12.42
C ASP B 284 -5.39 -11.57 11.72
N GLY B 285 -4.12 -11.30 11.47
CA GLY B 285 -3.74 -10.14 10.69
C GLY B 285 -3.58 -8.92 11.57
N PHE B 286 -3.36 -7.79 10.90
CA PHE B 286 -3.02 -6.53 11.56
C PHE B 286 -4.09 -5.47 11.37
N SER B 287 -4.12 -4.56 12.34
CA SER B 287 -4.85 -3.31 12.20
C SER B 287 -4.30 -2.46 11.06
N ASP B 288 -5.05 -1.44 10.69
CA ASP B 288 -4.50 -0.36 9.91
C ASP B 288 -3.34 0.30 10.69
N PHE B 289 -2.47 0.95 9.93
CA PHE B 289 -1.40 1.76 10.53
C PHE B 289 -1.91 3.13 10.90
N ALA B 290 -1.45 3.64 12.04
CA ALA B 290 -1.78 4.98 12.51
C ALA B 290 -0.53 5.70 13.01
N SER B 291 -0.49 7.01 12.84
CA SER B 291 0.57 7.84 13.41
C SER B 291 0.56 7.75 14.90
N ASP B 292 1.74 7.61 15.49
CA ASP B 292 1.91 7.56 16.93
C ASP B 292 2.48 8.90 17.39
N SER B 293 1.60 9.74 17.94
CA SER B 293 2.02 11.11 18.27
C SER B 293 3.00 11.18 19.44
N GLY B 294 3.23 10.07 20.13
CA GLY B 294 4.24 10.03 21.16
C GLY B 294 5.67 9.81 20.66
N LEU B 295 5.80 9.45 19.38
CA LEU B 295 7.10 9.11 18.79
C LEU B 295 7.40 9.90 17.53
N PRO B 296 7.85 11.16 17.70
CA PRO B 296 8.25 11.93 16.55
C PRO B 296 9.39 11.26 15.78
N ASP B 297 9.38 11.45 14.48
CA ASP B 297 10.36 10.85 13.58
C ASP B 297 10.55 11.74 12.37
N PRO B 298 11.79 11.84 11.88
CA PRO B 298 12.04 12.75 10.76
C PRO B 298 11.96 12.09 9.38
N ALA B 299 11.29 10.94 9.31
CA ALA B 299 11.32 10.02 8.16
C ALA B 299 12.70 9.40 8.05
N CYS B 300 12.94 8.51 9.00
CA CYS B 300 14.20 7.77 9.09
C CYS B 300 13.89 6.41 9.71
N GLN B 301 14.76 5.45 9.46
CA GLN B 301 14.64 4.16 10.08
C GLN B 301 14.76 4.27 11.60
N GLY B 302 14.16 3.32 12.30
CA GLY B 302 14.31 3.17 13.73
C GLY B 302 14.49 1.70 14.08
N SER B 303 14.53 1.42 15.38
CA SER B 303 14.72 0.05 15.88
C SER B 303 13.92 -0.20 17.14
N VAL B 304 13.57 -1.47 17.35
CA VAL B 304 12.71 -1.86 18.47
C VAL B 304 13.21 -3.19 18.98
N LEU B 305 13.06 -3.43 20.27
CA LEU B 305 13.63 -4.63 20.90
C LEU B 305 12.76 -5.11 22.05
N LYS B 306 12.35 -6.38 22.00
CA LYS B 306 11.74 -7.01 23.18
C LYS B 306 12.87 -7.33 24.16
N TYR B 307 12.86 -6.68 25.32
CA TYR B 307 13.97 -6.83 26.27
C TYR B 307 13.77 -8.01 27.21
N ASN B 308 12.57 -8.13 27.78
CA ASN B 308 12.29 -9.17 28.76
C ASN B 308 10.78 -9.37 28.91
N THR B 309 10.43 -10.57 29.40
CA THR B 309 9.05 -11.02 29.53
C THR B 309 8.54 -11.14 30.98
N ASP B 310 9.39 -11.09 32.00
CA ASP B 310 8.81 -11.02 33.38
C ASP B 310 8.84 -9.64 33.96
N ALA B 311 8.42 -9.53 35.22
CA ALA B 311 8.10 -8.27 35.85
C ALA B 311 9.33 -7.39 36.00
N PRO B 312 9.28 -6.17 35.47
CA PRO B 312 8.24 -5.64 34.60
C PRO B 312 8.66 -5.86 33.15
N PRO B 313 7.75 -6.33 32.27
CA PRO B 313 8.15 -6.49 30.85
C PRO B 313 8.48 -5.16 30.20
N ARG B 314 9.50 -5.16 29.32
CA ARG B 314 9.97 -3.93 28.69
C ARG B 314 10.17 -4.14 27.20
N THR B 315 9.70 -3.16 26.44
CA THR B 315 10.01 -3.00 25.03
C THR B 315 10.92 -1.78 24.91
N ILE B 316 12.01 -1.89 24.14
CA ILE B 316 12.90 -0.77 23.94
C ILE B 316 12.71 -0.21 22.54
N PHE B 317 12.75 1.12 22.42
CA PHE B 317 12.62 1.77 21.12
C PHE B 317 13.70 2.82 20.95
N LEU B 318 14.25 2.91 19.73
CA LEU B 318 15.32 3.84 19.43
C LEU B 318 15.07 4.48 18.06
N ASN B 319 15.06 5.82 18.01
CA ASN B 319 15.01 6.53 16.74
C ASN B 319 15.53 7.96 17.00
N SER B 320 15.47 8.81 15.99
CA SER B 320 15.73 10.23 16.23
C SER B 320 14.41 10.89 16.62
N ALA B 321 14.33 11.35 17.86
CA ALA B 321 13.07 11.83 18.45
C ALA B 321 12.83 13.29 18.06
N SER B 322 12.57 13.47 16.79
CA SER B 322 12.44 14.78 16.16
C SER B 322 11.68 14.64 14.88
N SER B 323 10.90 15.66 14.52
CA SER B 323 10.18 15.61 13.26
C SER B 323 11.02 16.15 12.09
N ASP B 324 12.21 16.70 12.37
CA ASP B 324 13.03 17.25 11.27
C ASP B 324 14.52 16.96 11.28
N SER B 325 15.05 16.30 12.30
CA SER B 325 16.49 16.01 12.34
C SER B 325 16.74 14.57 12.69
N ARG B 326 17.82 14.01 12.14
CA ARG B 326 18.31 12.66 12.54
C ARG B 326 19.28 12.67 13.72
N ARG B 327 19.59 13.86 14.24
CA ARG B 327 20.59 14.01 15.30
C ARG B 327 19.98 14.18 16.67
N GLN B 328 18.84 13.55 16.92
CA GLN B 328 18.22 13.58 18.22
C GLN B 328 17.93 12.16 18.70
N MET B 329 18.94 11.30 18.59
CA MET B 329 18.76 9.91 18.96
C MET B 329 18.30 9.77 20.40
N ARG B 330 17.25 8.98 20.59
CA ARG B 330 16.66 8.80 21.91
C ARG B 330 16.27 7.34 22.05
N VAL B 331 16.75 6.71 23.12
CA VAL B 331 16.36 5.36 23.48
C VAL B 331 15.32 5.43 24.60
N ARG B 332 14.27 4.63 24.47
CA ARG B 332 13.13 4.67 25.37
C ARG B 332 12.68 3.28 25.79
N ILE B 333 11.90 3.22 26.87
CA ILE B 333 11.35 2.00 27.40
C ILE B 333 9.82 2.15 27.46
N SER B 334 9.11 1.11 27.03
CA SER B 334 7.68 1.00 27.32
C SER B 334 7.44 -0.20 28.20
N TYR B 335 6.60 0.01 29.22
CA TYR B 335 6.12 -1.06 30.07
C TYR B 335 4.72 -1.56 29.70
N ASP B 336 4.10 -0.95 28.71
CA ASP B 336 2.74 -1.31 28.33
C ASP B 336 2.65 -2.68 27.65
N ALA B 337 1.54 -3.36 27.88
CA ALA B 337 1.31 -4.68 27.31
C ALA B 337 1.33 -4.66 25.78
N ASP B 338 0.94 -3.52 25.21
CA ASP B 338 0.84 -3.35 23.77
C ASP B 338 1.84 -2.27 23.29
N ALA B 339 2.82 -1.93 24.13
CA ALA B 339 3.79 -0.87 23.83
C ALA B 339 3.16 0.47 23.40
N ALA B 340 2.00 0.81 23.97
CA ALA B 340 1.32 2.05 23.59
C ALA B 340 2.12 3.31 23.88
N LYS B 341 2.69 3.38 25.07
CA LYS B 341 3.36 4.58 25.56
C LYS B 341 4.77 4.29 26.06
N TYR B 342 5.67 5.20 25.72
CA TYR B 342 7.06 5.14 26.10
C TYR B 342 7.41 6.26 27.06
N ASP B 343 8.41 6.02 27.89
CA ASP B 343 9.01 7.10 28.66
C ASP B 343 9.80 8.08 27.77
N TYR B 344 10.24 9.20 28.37
CA TYR B 344 11.08 10.14 27.67
C TYR B 344 12.37 9.44 27.24
N GLY B 345 12.90 8.63 28.13
CA GLY B 345 14.08 7.83 27.81
C GLY B 345 15.34 8.63 28.01
N ARG B 346 16.32 8.41 27.14
CA ARG B 346 17.54 9.17 27.26
C ARG B 346 18.14 9.47 25.90
N LYS B 347 18.64 10.69 25.76
CA LYS B 347 19.40 11.10 24.60
C LYS B 347 20.78 10.44 24.54
N LEU B 348 21.09 9.84 23.40
CA LEU B 348 22.41 9.23 23.23
C LEU B 348 23.51 10.32 23.29
N ALA B 349 23.17 11.55 22.93
CA ALA B 349 24.11 12.65 23.09
C ALA B 349 24.57 12.92 24.52
N ASP B 350 23.88 12.36 25.52
CA ASP B 350 24.34 12.43 26.91
C ASP B 350 25.66 11.66 27.11
N ALA B 351 25.99 10.74 26.18
CA ALA B 351 27.26 10.03 26.22
C ALA B 351 27.88 10.04 24.81
N PRO B 352 28.36 11.21 24.38
CA PRO B 352 28.76 11.37 23.00
C PRO B 352 30.13 10.73 22.67
N VAL B 353 30.33 10.41 21.41
CA VAL B 353 31.58 9.93 20.88
C VAL B 353 32.26 11.08 20.16
N SER B 354 33.58 11.17 20.30
CA SER B 354 34.40 12.17 19.57
C SER B 354 35.17 11.54 18.41
N GLY B 355 35.32 12.29 17.33
CA GLY B 355 36.18 11.91 16.22
C GLY B 355 35.59 10.92 15.22
N ALA B 356 34.28 10.71 15.31
CA ALA B 356 33.57 9.80 14.40
C ALA B 356 32.37 10.45 13.72
N GLY B 357 32.35 11.78 13.70
CA GLY B 357 31.29 12.52 13.04
C GLY B 357 30.16 12.83 13.98
N TYR B 358 29.06 13.30 13.41
CA TYR B 358 27.90 13.74 14.18
C TYR B 358 26.91 12.58 14.16
N GLU B 359 26.68 12.02 15.35
CA GLU B 359 25.89 10.80 15.48
C GLU B 359 24.40 11.06 15.23
N GLY B 360 23.79 10.15 14.50
CA GLY B 360 22.36 10.13 14.31
C GLY B 360 21.99 9.53 12.98
N GLY B 361 20.92 8.73 12.97
CA GLY B 361 20.44 8.15 11.72
C GLY B 361 19.85 6.77 12.02
N TYR B 362 20.11 5.85 11.12
CA TYR B 362 19.63 4.46 11.26
C TYR B 362 20.28 3.83 12.49
N SER B 363 19.58 2.87 13.08
CA SER B 363 20.03 2.19 14.29
C SER B 363 19.60 0.76 14.33
N SER B 364 20.27 -0.01 15.16
CA SER B 364 19.86 -1.39 15.43
C SER B 364 20.22 -1.76 16.85
N MET B 365 19.35 -2.52 17.50
CA MET B 365 19.58 -2.96 18.86
C MET B 365 19.46 -4.47 19.05
N THR B 366 20.27 -4.99 19.96
CA THR B 366 20.15 -6.35 20.44
C THR B 366 20.34 -6.35 21.94
N LYS B 367 19.94 -7.45 22.59
CA LYS B 367 20.26 -7.63 24.00
C LYS B 367 21.48 -8.51 24.09
N THR B 368 22.53 -8.00 24.73
CA THR B 368 23.75 -8.78 24.91
C THR B 368 23.60 -9.89 25.94
N ALA B 369 24.55 -10.82 25.93
CA ALA B 369 24.48 -11.94 26.89
C ALA B 369 24.76 -11.48 28.32
N ASP B 370 25.41 -10.33 28.48
CA ASP B 370 25.59 -9.69 29.78
C ASP B 370 24.55 -8.62 30.10
N TYR B 371 23.36 -8.72 29.51
CA TYR B 371 22.22 -7.91 29.93
C TYR B 371 22.43 -6.42 29.76
N LYS B 372 22.95 -6.06 28.59
CA LYS B 372 23.04 -4.70 28.14
C LYS B 372 22.23 -4.58 26.85
N ILE B 373 21.84 -3.36 26.56
CA ILE B 373 21.38 -3.02 25.22
C ILE B 373 22.64 -2.72 24.40
N GLY B 374 22.81 -3.46 23.32
CA GLY B 374 23.89 -3.22 22.35
C GLY B 374 23.26 -2.54 21.15
N ALA B 375 23.73 -1.34 20.81
CA ALA B 375 23.15 -0.59 19.71
C ALA B 375 24.20 -0.17 18.72
N LEU B 376 23.88 -0.27 17.44
CA LEU B 376 24.66 0.37 16.38
C LEU B 376 23.91 1.60 15.93
N VAL B 377 24.63 2.70 15.75
CA VAL B 377 24.01 3.98 15.33
C VAL B 377 24.88 4.64 14.28
N GLU B 378 24.25 5.08 13.20
CA GLU B 378 24.93 5.82 12.13
C GLU B 378 25.46 7.16 12.64
N SER B 379 26.57 7.58 12.02
CA SER B 379 27.18 8.89 12.32
C SER B 379 27.71 9.46 11.01
N ASP B 380 27.74 10.79 10.89
CA ASP B 380 27.96 11.46 9.62
C ASP B 380 28.98 12.56 9.86
N PHE B 381 30.12 12.46 9.19
CA PHE B 381 31.16 13.52 9.36
C PHE B 381 30.72 14.87 8.78
N PHE B 382 29.82 14.84 7.81
CA PHE B 382 29.23 16.08 7.26
C PHE B 382 30.28 16.94 6.56
N ASN B 383 31.36 16.33 6.11
CA ASN B 383 32.45 17.11 5.50
C ASN B 383 32.07 17.65 4.14
N ASP B 384 31.12 17.00 3.44
CA ASP B 384 30.58 17.46 2.17
C ASP B 384 29.10 17.88 2.39
N GLY B 385 28.77 18.31 3.61
CA GLY B 385 27.38 18.60 4.01
C GLY B 385 26.48 17.41 3.68
N THR B 386 25.35 17.68 3.03
CA THR B 386 24.41 16.65 2.63
C THR B 386 24.83 15.90 1.36
N GLY B 387 25.98 16.23 0.77
CA GLY B 387 26.41 15.57 -0.45
C GLY B 387 26.97 14.17 -0.27
N GLY B 388 27.26 13.52 -1.39
CA GLY B 388 27.73 12.14 -1.44
C GLY B 388 29.13 11.90 -0.89
N GLY B 389 29.93 12.95 -0.76
CA GLY B 389 31.28 12.79 -0.25
C GLY B 389 31.39 12.78 1.25
N SER B 390 30.30 13.00 1.97
CA SER B 390 30.38 13.06 3.44
C SER B 390 30.56 11.65 3.98
N TYR B 391 31.66 11.45 4.71
CA TYR B 391 32.00 10.12 5.22
C TYR B 391 30.99 9.71 6.30
N ARG B 392 30.59 8.45 6.27
CA ARG B 392 29.64 7.91 7.24
C ARG B 392 30.28 6.73 7.97
N SER B 393 30.15 6.75 9.30
CA SER B 393 30.69 5.73 10.16
C SER B 393 29.54 5.15 10.98
N ILE B 394 29.82 4.07 11.72
CA ILE B 394 28.79 3.48 12.57
C ILE B 394 29.38 3.30 13.95
N ILE B 395 28.66 3.79 14.95
CA ILE B 395 29.07 3.74 16.35
C ILE B 395 28.43 2.49 17.00
N TRP B 396 29.18 1.83 17.86
CA TRP B 396 28.69 0.75 18.72
C TRP B 396 28.56 1.27 20.15
N ARG B 397 27.40 0.98 20.76
CA ARG B 397 27.12 1.38 22.13
C ARG B 397 26.67 0.18 22.92
N ARG B 398 27.10 0.12 24.17
CA ARG B 398 26.47 -0.76 25.18
C ARG B 398 25.99 0.13 26.32
N PHE B 399 24.80 -0.12 26.82
CA PHE B 399 24.35 0.56 28.03
C PHE B 399 23.37 -0.32 28.76
N ASN B 400 23.33 -0.18 30.08
CA ASN B 400 22.31 -0.91 30.83
C ASN B 400 21.01 -0.11 30.94
N LEU B 401 19.97 -0.78 31.40
CA LEU B 401 18.69 -0.12 31.61
C LEU B 401 18.82 1.05 32.57
N SER B 402 19.67 0.88 33.59
CA SER B 402 19.92 1.96 34.56
C SER B 402 20.36 3.26 33.88
N TRP B 403 21.22 3.16 32.85
CA TRP B 403 21.66 4.33 32.16
C TRP B 403 20.47 5.09 31.56
N ILE B 404 19.53 4.36 30.97
CA ILE B 404 18.34 4.98 30.40
C ILE B 404 17.50 5.61 31.51
N LEU B 405 17.28 4.84 32.54
CA LEU B 405 16.32 5.21 33.60
C LEU B 405 16.82 6.36 34.45
N ASN B 406 18.14 6.53 34.53
CA ASN B 406 18.72 7.58 35.35
C ASN B 406 19.07 8.81 34.50
N GLY B 407 18.53 8.89 33.29
CA GLY B 407 18.72 10.05 32.45
C GLY B 407 18.01 11.29 32.99
N PRO B 408 18.51 12.49 32.66
CA PRO B 408 18.09 13.72 33.30
C PRO B 408 16.63 14.10 33.09
N ASN B 409 16.01 13.67 31.98
CA ASN B 409 14.63 14.07 31.73
C ASN B 409 13.67 12.92 31.84
N ASN B 410 14.15 11.79 32.36
CA ASN B 410 13.35 10.59 32.45
C ASN B 410 12.69 10.49 33.83
C1 GOL C . -2.78 3.30 1.04
O1 GOL C . -1.49 3.83 0.64
C2 GOL C . -2.65 2.62 2.40
O2 GOL C . -2.61 3.69 3.36
C3 GOL C . -3.82 1.65 2.67
O3 GOL C . -3.85 1.25 4.04
C2 KDM D . -28.06 9.66 -8.11
C1 KDM D . -28.73 9.37 -9.44
C3 KDM D . -27.49 8.40 -7.49
C4 KDM D . -26.31 8.63 -6.56
C5 KDM D . -26.17 10.07 -6.11
C6 KDM D . -26.00 10.95 -7.33
C7 KDM D . -26.02 12.47 -7.01
C8 KDM D . -25.80 13.37 -8.23
C9 KDM D . -25.92 14.84 -7.87
O5 KDM D . -25.05 10.23 -5.23
O1A KDM D . -28.62 10.34 -10.28
O1B KDM D . -29.31 8.36 -9.65
O4 KDM D . -26.48 7.78 -5.43
O6 KDM D . -27.04 10.70 -8.32
O7 KDM D . -27.33 12.81 -6.53
O8 KDM D . -24.49 13.12 -8.80
O9 KDM D . -24.85 15.25 -7.03
O2 KDM D . -29.13 10.20 -7.39
C2 KDM E . 17.80 6.17 2.79
C1 KDM E . 17.86 7.20 3.90
C3 KDM E . 18.80 5.05 3.01
C4 KDM E . 18.42 3.69 2.42
C5 KDM E . 17.29 3.80 1.40
C6 KDM E . 16.06 4.43 2.08
C7 KDM E . 14.88 4.67 1.12
C8 KDM E . 13.60 5.21 1.76
C9 KDM E . 12.52 5.55 0.74
O5 KDM E . 16.97 2.51 0.86
O1A KDM E . 18.86 7.48 4.48
O1B KDM E . 16.72 7.76 4.13
O4 KDM E . 19.58 3.13 1.82
O6 KDM E . 16.40 5.72 2.71
O7 KDM E . 15.26 5.64 0.14
O8 KDM E . 13.05 4.23 2.65
O9 KDM E . 12.07 4.35 0.12
O2 KDM E . 18.09 6.89 1.64
CL CL F . -1.15 -0.54 0.88
#